data_1R24
#
_entry.id   1R24
#
_cell.length_a   139.240
_cell.length_b   82.070
_cell.length_c   73.580
_cell.angle_alpha   90.00
_cell.angle_beta   94.13
_cell.angle_gamma   90.00
#
_symmetry.space_group_name_H-M   'P 1 21 1'
#
loop_
_entity.id
_entity.type
_entity.pdbx_description
1 polymer 'PROTEIN (IGG3-KAPPA ANTIBODY (LIGHT CHAIN))'
2 polymer 'PROTEIN (IGG3-KAPPA ANTIBODY (HEAVY CHAIN))'
#
loop_
_entity_poly.entity_id
_entity_poly.type
_entity_poly.pdbx_seq_one_letter_code
_entity_poly.pdbx_strand_id
1 'polypeptide(L)'
;DIQMTQITSSLSVSLGDRVIISCRASQDIGNFLNWYQQKPDGSLKLLIYYTSRLQSGVPSRFSGWGSGTDYSLTISNLEE
EDIATFFCQQGKTLPYTFGGGTKLEIKRADAAPTVSIFPPSSEQLTSGGASVVCFLNNFYPKDINVKWKIDGSERQNGVL
NSWTDQDSKDSTYSMSSTLTLTKDEYERHNSYTCEATHKTSTSPIV
;
A,C
2 'polypeptide(L)'
;DVQLVESGGGLVQPGGSRKLSCAASGFTFSNFGMHWVRQAPEKGLEWVAYISSGGSSINYADTVKGRFTISRDNPKNTLF
LQMTSLRSEDTAIYYCTRGGTGTRSLYYFDYWGQGATLIVSSATTTAPSVYPLVPGCSDTSGSSVTLGCLVKGYFPGPVT
VKWNYGALSSGVRTVSSVLQSGFYSLSSLVTVPSSTWPSQTVICNVAHPASKTDLIK
;
B,D
#
# COMPACT_ATOMS: atom_id res chain seq x y z
N ASP A 1 7.59 33.25 7.94
CA ASP A 1 6.80 32.03 7.93
C ASP A 1 6.42 32.15 6.46
N ILE A 2 6.52 31.30 5.45
CA ILE A 2 6.05 31.66 4.12
C ILE A 2 4.55 31.62 4.41
N GLN A 3 3.64 32.49 3.92
CA GLN A 3 2.24 32.15 4.14
C GLN A 3 1.95 31.28 2.93
N MET A 4 1.08 30.31 3.11
CA MET A 4 0.77 29.27 2.14
C MET A 4 -0.70 29.68 1.86
N THR A 5 -1.12 29.66 0.61
CA THR A 5 -2.49 30.02 0.38
C THR A 5 -3.09 29.09 -0.67
N GLN A 6 -4.27 28.52 -0.28
CA GLN A 6 -5.05 27.67 -1.17
C GLN A 6 -6.26 28.55 -1.45
N ILE A 7 -6.43 29.13 -2.64
CA ILE A 7 -7.53 30.07 -2.86
C ILE A 7 -8.74 29.40 -3.46
N THR A 8 -9.91 29.29 -2.86
CA THR A 8 -10.95 28.40 -3.37
C THR A 8 -10.93 27.15 -2.48
N SER A 9 -11.91 27.12 -1.58
CA SER A 9 -12.06 26.08 -0.59
C SER A 9 -13.24 25.16 -0.83
N SER A 10 -13.89 25.03 -1.98
CA SER A 10 -15.14 24.29 -1.90
C SER A 10 -15.02 23.91 -3.32
N LEU A 11 -15.39 22.77 -3.85
CA LEU A 11 -15.42 22.65 -5.32
C LEU A 11 -16.45 21.51 -5.59
N SER A 12 -17.55 21.79 -6.39
CA SER A 12 -18.68 20.81 -6.49
C SER A 12 -17.83 20.24 -7.55
N VAL A 13 -17.81 19.01 -7.89
CA VAL A 13 -16.76 18.80 -8.81
C VAL A 13 -17.84 17.85 -8.95
N SER A 14 -17.89 17.11 -10.13
CA SER A 14 -18.88 16.07 -10.54
C SER A 14 -18.27 14.68 -10.45
N LEU A 15 -18.24 13.67 -11.29
CA LEU A 15 -17.44 12.54 -10.90
C LEU A 15 -16.61 12.30 -12.18
N GLY A 16 -15.71 11.34 -12.50
CA GLY A 16 -15.05 11.28 -13.81
C GLY A 16 -14.30 12.57 -14.33
N ASP A 17 -13.99 13.52 -13.46
CA ASP A 17 -13.39 14.76 -13.90
C ASP A 17 -12.15 14.86 -13.11
N ARG A 18 -11.32 15.78 -13.70
CA ARG A 18 -9.98 16.18 -13.25
C ARG A 18 -10.37 17.35 -12.41
N VAL A 19 -9.74 17.50 -11.24
CA VAL A 19 -9.93 18.64 -10.35
C VAL A 19 -8.59 19.30 -10.51
N ILE A 20 -8.35 20.60 -10.71
CA ILE A 20 -6.96 20.96 -10.60
C ILE A 20 -7.17 21.55 -9.20
N ILE A 21 -6.24 21.51 -8.24
CA ILE A 21 -6.39 22.24 -6.96
C ILE A 21 -5.06 23.03 -6.83
N SER A 22 -5.10 24.29 -6.40
CA SER A 22 -3.90 25.06 -6.60
C SER A 22 -3.30 25.58 -5.31
N CYS A 23 -1.97 25.81 -5.32
CA CYS A 23 -1.39 26.27 -4.06
C CYS A 23 -0.23 27.24 -4.35
N ARG A 24 -0.14 28.27 -3.48
CA ARG A 24 0.87 29.25 -3.74
C ARG A 24 1.37 29.84 -2.46
N ALA A 25 2.66 29.74 -2.64
CA ALA A 25 3.73 30.11 -1.72
C ALA A 25 3.85 31.61 -1.48
N SER A 26 4.12 32.14 -0.27
CA SER A 26 4.67 33.49 -0.20
C SER A 26 6.10 33.24 -0.72
N GLN A 27 7.16 33.11 0.04
CA GLN A 27 8.32 32.78 -0.74
C GLN A 27 8.27 31.47 -1.54
N ASP A 28 9.14 31.58 -2.54
CA ASP A 28 9.50 30.64 -3.60
C ASP A 28 9.92 29.36 -2.95
N ILE A 29 9.18 28.29 -2.99
CA ILE A 29 9.71 27.15 -2.30
C ILE A 29 10.77 26.24 -2.95
N GLY A 30 11.37 26.22 -4.15
CA GLY A 30 12.28 25.07 -4.38
C GLY A 30 11.53 23.77 -4.67
N ASN A 31 10.29 23.98 -5.18
CA ASN A 31 9.35 22.96 -5.62
C ASN A 31 9.15 21.87 -4.61
N PHE A 32 9.28 22.37 -3.39
CA PHE A 32 9.12 21.58 -2.18
C PHE A 32 7.68 21.43 -1.71
N LEU A 33 6.78 21.26 -2.66
CA LEU A 33 5.44 21.34 -2.18
C LEU A 33 4.96 19.89 -2.11
N ASN A 34 3.97 19.69 -1.23
CA ASN A 34 3.46 18.37 -0.97
C ASN A 34 2.01 18.71 -0.58
N TRP A 35 1.21 17.67 -0.84
CA TRP A 35 -0.25 17.63 -0.82
C TRP A 35 -0.74 16.60 0.18
N TYR A 36 -1.57 16.80 1.21
CA TYR A 36 -1.98 15.71 2.08
C TYR A 36 -3.44 15.75 1.80
N GLN A 37 -4.08 14.65 2.06
CA GLN A 37 -5.47 14.46 1.76
C GLN A 37 -6.14 14.17 3.07
N GLN A 38 -7.05 14.86 3.68
CA GLN A 38 -7.67 14.45 4.92
C GLN A 38 -9.14 13.93 4.74
N LYS A 39 -9.67 12.80 5.20
CA LYS A 39 -11.05 12.53 4.90
C LYS A 39 -11.90 12.27 6.13
N PRO A 40 -13.19 12.57 5.90
CA PRO A 40 -14.28 12.65 6.85
C PRO A 40 -13.95 12.50 8.30
N ASP A 41 -13.14 11.53 8.62
CA ASP A 41 -12.94 11.28 10.03
C ASP A 41 -11.69 12.08 10.15
N GLY A 42 -10.73 11.22 10.46
CA GLY A 42 -9.38 11.69 10.70
C GLY A 42 -8.54 11.68 9.46
N SER A 43 -8.05 10.50 9.26
CA SER A 43 -7.44 10.40 8.01
C SER A 43 -6.42 11.37 7.45
N LEU A 44 -5.53 12.22 7.89
CA LEU A 44 -4.66 12.65 6.82
C LEU A 44 -3.91 11.57 6.00
N LYS A 45 -3.97 11.55 4.67
CA LYS A 45 -3.16 10.56 3.98
C LYS A 45 -1.98 11.34 3.32
N LEU A 46 -0.72 10.99 3.19
CA LEU A 46 0.05 11.83 2.29
C LEU A 46 -0.33 11.51 0.83
N LEU A 47 -0.06 12.42 -0.08
CA LEU A 47 -0.41 12.15 -1.45
C LEU A 47 0.75 12.36 -2.40
N ILE A 48 1.39 13.50 -2.48
CA ILE A 48 2.42 13.56 -3.47
C ILE A 48 3.37 14.43 -2.75
N TYR A 49 4.70 14.34 -3.02
CA TYR A 49 5.78 15.12 -2.37
C TYR A 49 6.85 15.64 -3.34
N TYR A 50 7.43 16.82 -3.05
CA TYR A 50 8.38 17.43 -4.00
C TYR A 50 7.53 17.70 -5.23
N THR A 51 6.72 18.72 -4.94
CA THR A 51 5.82 19.07 -6.03
C THR A 51 5.45 17.74 -6.76
N SER A 52 6.25 16.75 -6.93
CA SER A 52 5.57 15.75 -7.75
C SER A 52 5.49 14.32 -7.40
N ARG A 53 6.16 13.85 -6.35
CA ARG A 53 6.21 12.40 -6.08
C ARG A 53 4.92 11.76 -5.60
N LEU A 54 4.33 10.79 -6.26
CA LEU A 54 3.16 10.17 -5.70
C LEU A 54 3.76 9.24 -4.63
N GLN A 55 3.19 9.10 -3.41
CA GLN A 55 3.76 8.19 -2.42
C GLN A 55 3.32 6.76 -2.78
N SER A 56 3.77 5.68 -2.19
CA SER A 56 3.44 4.39 -2.76
C SER A 56 2.00 3.97 -2.78
N GLY A 57 1.55 3.46 -3.91
CA GLY A 57 0.14 3.15 -3.99
C GLY A 57 -0.79 4.39 -4.12
N VAL A 58 -0.41 5.64 -4.01
CA VAL A 58 -1.47 6.58 -4.26
C VAL A 58 -1.65 6.21 -5.75
N PRO A 59 -2.91 6.06 -6.23
CA PRO A 59 -3.24 5.32 -7.43
C PRO A 59 -3.12 6.44 -8.46
N SER A 60 -2.57 6.21 -9.63
CA SER A 60 -2.12 7.31 -10.46
C SER A 60 -3.03 8.30 -11.24
N ARG A 61 -4.30 8.51 -10.83
CA ARG A 61 -5.07 9.55 -11.47
C ARG A 61 -4.70 10.84 -10.73
N PHE A 62 -4.08 10.79 -9.53
CA PHE A 62 -3.55 11.99 -8.81
C PHE A 62 -2.19 12.54 -9.34
N SER A 63 -2.07 13.84 -9.52
CA SER A 63 -0.87 14.30 -10.16
C SER A 63 -0.77 15.73 -9.68
N GLY A 64 0.44 16.30 -9.64
CA GLY A 64 0.57 17.65 -9.14
C GLY A 64 1.57 18.37 -10.02
N TRP A 65 1.62 19.72 -9.91
CA TRP A 65 2.67 20.48 -10.58
C TRP A 65 2.91 21.74 -9.78
N GLY A 66 3.89 22.50 -10.19
CA GLY A 66 4.14 23.73 -9.45
C GLY A 66 5.62 24.08 -9.65
N SER A 67 5.94 25.37 -9.65
CA SER A 67 7.31 25.69 -9.89
C SER A 67 7.18 27.12 -9.52
N GLY A 68 8.24 27.60 -8.86
CA GLY A 68 8.35 28.98 -8.34
C GLY A 68 7.68 29.19 -6.97
N THR A 69 6.44 29.74 -6.97
CA THR A 69 5.67 29.93 -5.74
C THR A 69 4.35 29.29 -6.06
N ASP A 70 4.10 28.96 -7.33
CA ASP A 70 2.71 28.67 -7.56
C ASP A 70 2.47 27.19 -7.91
N TYR A 71 1.48 26.58 -7.23
CA TYR A 71 1.26 25.15 -7.41
C TYR A 71 -0.25 24.80 -7.26
N SER A 72 -0.41 23.61 -7.95
CA SER A 72 -1.68 22.90 -8.09
C SER A 72 -1.67 21.35 -8.26
N LEU A 73 -2.66 20.72 -7.61
CA LEU A 73 -2.88 19.27 -7.61
C LEU A 73 -3.96 19.05 -8.67
N THR A 74 -3.93 17.97 -9.41
CA THR A 74 -4.83 17.69 -10.53
C THR A 74 -5.64 16.37 -10.44
N ILE A 75 -6.91 16.20 -10.16
CA ILE A 75 -7.25 14.77 -10.22
C ILE A 75 -7.81 14.14 -11.54
N SER A 76 -7.28 13.15 -12.27
CA SER A 76 -7.89 12.86 -13.57
C SER A 76 -9.27 12.36 -13.61
N ASN A 77 -9.69 11.37 -12.88
CA ASN A 77 -11.09 11.12 -13.18
C ASN A 77 -11.81 11.21 -11.85
N LEU A 78 -12.19 12.42 -11.38
CA LEU A 78 -12.68 12.45 -10.01
C LEU A 78 -13.48 11.23 -9.58
N GLU A 79 -13.12 10.36 -8.61
CA GLU A 79 -14.04 9.27 -8.22
C GLU A 79 -14.67 9.49 -6.88
N GLU A 80 -15.86 9.01 -6.79
CA GLU A 80 -16.58 9.14 -5.57
C GLU A 80 -15.70 8.82 -4.32
N GLU A 81 -14.46 8.44 -4.41
CA GLU A 81 -13.86 7.97 -3.14
C GLU A 81 -12.62 8.78 -2.76
N ASP A 82 -12.59 9.93 -3.40
CA ASP A 82 -11.53 10.90 -3.42
C ASP A 82 -12.25 12.09 -2.85
N ILE A 83 -13.42 11.96 -2.22
CA ILE A 83 -14.03 13.27 -1.86
C ILE A 83 -13.66 13.55 -0.40
N ALA A 84 -12.72 14.45 -0.23
CA ALA A 84 -12.08 14.56 1.06
C ALA A 84 -11.66 15.98 0.83
N THR A 85 -11.00 16.73 1.74
CA THR A 85 -10.57 18.07 1.47
C THR A 85 -9.03 18.12 1.44
N PHE A 86 -8.39 19.06 0.80
CA PHE A 86 -7.02 18.82 0.49
C PHE A 86 -6.15 19.99 0.86
N PHE A 87 -4.97 19.75 1.46
CA PHE A 87 -4.04 20.73 2.06
C PHE A 87 -2.65 20.86 1.42
N CYS A 88 -1.78 21.85 1.44
CA CYS A 88 -0.69 21.68 0.54
C CYS A 88 0.06 22.23 1.68
N GLN A 89 1.38 21.90 1.81
CA GLN A 89 2.33 22.34 2.86
C GLN A 89 3.76 22.59 2.35
N GLN A 90 4.65 23.27 3.12
CA GLN A 90 6.05 23.53 2.77
C GLN A 90 7.10 22.85 3.64
N GLY A 91 7.79 21.95 2.98
CA GLY A 91 8.80 21.20 3.64
C GLY A 91 10.09 21.84 3.21
N LYS A 92 10.18 23.21 3.27
CA LYS A 92 11.40 24.00 2.98
C LYS A 92 11.93 25.03 4.03
N THR A 93 11.19 25.55 5.00
CA THR A 93 11.76 26.61 5.77
C THR A 93 11.10 26.72 7.11
N LEU A 94 11.70 26.71 8.29
CA LEU A 94 10.89 26.66 9.48
C LEU A 94 9.96 27.77 9.59
N PRO A 95 8.84 27.76 10.28
CA PRO A 95 7.92 26.61 10.42
C PRO A 95 7.47 26.03 9.09
N TYR A 96 7.29 24.72 9.04
CA TYR A 96 7.03 24.14 7.73
C TYR A 96 5.57 24.56 7.83
N THR A 97 4.78 24.80 6.73
CA THR A 97 3.42 25.35 6.85
C THR A 97 2.39 24.76 5.93
N PHE A 98 1.13 25.07 6.16
CA PHE A 98 0.02 24.46 5.46
C PHE A 98 -1.03 25.21 4.57
N GLY A 99 -1.36 24.70 3.38
CA GLY A 99 -2.42 25.42 2.71
C GLY A 99 -3.56 25.24 3.64
N GLY A 100 -4.41 26.20 3.83
CA GLY A 100 -5.62 25.87 4.54
C GLY A 100 -6.49 24.78 3.85
N GLY A 101 -6.35 23.94 2.75
CA GLY A 101 -7.41 22.96 2.43
C GLY A 101 -8.62 23.35 1.57
N THR A 102 -8.90 22.60 0.53
CA THR A 102 -10.02 22.79 -0.37
C THR A 102 -11.22 21.85 -0.23
N LYS A 103 -12.37 22.00 0.49
CA LYS A 103 -13.20 20.82 0.64
C LYS A 103 -13.74 20.66 -0.75
N LEU A 104 -14.11 19.44 -1.06
CA LEU A 104 -14.52 19.17 -2.40
C LEU A 104 -15.78 18.38 -2.14
N GLU A 105 -16.75 18.60 -3.04
CA GLU A 105 -18.10 18.11 -2.91
C GLU A 105 -18.73 18.01 -4.28
N ILE A 106 -19.64 17.04 -4.09
CA ILE A 106 -20.58 16.54 -5.10
C ILE A 106 -21.86 17.30 -5.39
N LYS A 107 -21.77 17.84 -6.61
CA LYS A 107 -22.80 18.38 -7.45
C LYS A 107 -23.80 17.29 -7.71
N ARG A 108 -24.97 17.81 -7.97
CA ARG A 108 -26.16 17.04 -8.06
C ARG A 108 -27.20 18.10 -8.54
N ALA A 109 -28.36 17.56 -8.98
CA ALA A 109 -29.40 18.40 -9.56
C ALA A 109 -30.16 18.80 -8.32
N ASP A 110 -30.68 20.04 -8.43
CA ASP A 110 -31.13 20.80 -7.30
C ASP A 110 -32.37 20.25 -6.74
N ALA A 111 -32.66 21.01 -5.73
CA ALA A 111 -33.78 20.51 -4.98
C ALA A 111 -34.26 21.41 -3.84
N ALA A 112 -35.35 21.04 -3.19
CA ALA A 112 -35.83 22.00 -2.22
C ALA A 112 -36.26 21.40 -0.88
N PRO A 113 -35.98 22.27 0.09
CA PRO A 113 -36.17 22.03 1.46
C PRO A 113 -37.52 21.55 1.93
N THR A 114 -37.59 20.38 2.49
CA THR A 114 -38.81 20.00 3.13
C THR A 114 -38.73 20.57 4.53
N VAL A 115 -39.26 21.76 4.71
CA VAL A 115 -39.43 22.43 6.00
C VAL A 115 -40.27 21.78 7.08
N SER A 116 -40.09 22.11 8.35
CA SER A 116 -40.89 21.61 9.42
C SER A 116 -40.68 22.66 10.46
N ILE A 117 -41.63 23.19 11.21
CA ILE A 117 -41.33 24.06 12.30
C ILE A 117 -41.75 23.26 13.52
N PHE A 118 -41.18 23.57 14.65
CA PHE A 118 -41.38 22.71 15.78
C PHE A 118 -41.56 23.52 17.07
N PRO A 119 -42.60 23.66 17.92
CA PRO A 119 -42.56 24.55 19.07
C PRO A 119 -42.05 23.97 20.38
N PRO A 120 -41.70 24.68 21.44
CA PRO A 120 -41.28 24.18 22.72
C PRO A 120 -41.93 22.98 23.25
N SER A 121 -41.26 21.91 23.55
CA SER A 121 -41.98 20.97 24.37
C SER A 121 -42.34 21.66 25.67
N SER A 122 -43.15 20.86 26.25
CA SER A 122 -43.43 21.07 27.62
C SER A 122 -42.05 20.99 28.32
N GLU A 123 -41.39 19.84 28.45
CA GLU A 123 -40.12 19.94 29.13
C GLU A 123 -39.60 21.38 29.07
N GLN A 124 -39.00 21.67 27.95
CA GLN A 124 -38.27 22.90 27.91
C GLN A 124 -38.84 24.00 28.77
N LEU A 125 -39.96 24.45 28.23
CA LEU A 125 -40.65 25.64 28.69
C LEU A 125 -40.64 25.47 30.17
N THR A 126 -40.96 24.33 30.75
CA THR A 126 -40.80 24.26 32.19
C THR A 126 -39.50 24.89 32.66
N SER A 127 -38.39 24.57 32.03
CA SER A 127 -37.17 25.06 32.52
C SER A 127 -36.85 26.53 32.32
N GLY A 128 -37.61 27.20 31.43
CA GLY A 128 -37.34 28.62 31.36
C GLY A 128 -37.17 28.88 29.94
N GLY A 129 -37.02 27.84 29.19
CA GLY A 129 -36.70 28.22 27.84
C GLY A 129 -37.85 28.14 26.86
N ALA A 130 -37.58 28.49 25.58
CA ALA A 130 -38.48 28.28 24.42
C ALA A 130 -37.57 28.23 23.18
N SER A 131 -37.25 27.00 22.71
CA SER A 131 -36.43 27.02 21.54
C SER A 131 -37.34 26.49 20.47
N VAL A 132 -37.34 27.11 19.28
CA VAL A 132 -38.22 26.70 18.25
C VAL A 132 -37.25 26.29 17.18
N VAL A 133 -37.51 25.20 16.54
CA VAL A 133 -36.64 24.71 15.54
C VAL A 133 -37.39 24.81 14.23
N CYS A 134 -36.74 24.97 13.10
CA CYS A 134 -37.41 24.95 11.83
C CYS A 134 -36.47 24.08 11.02
N PHE A 135 -36.78 22.94 10.43
CA PHE A 135 -35.71 22.22 9.77
C PHE A 135 -36.11 22.01 8.33
N LEU A 136 -35.38 22.64 7.45
CA LEU A 136 -35.51 22.54 6.04
C LEU A 136 -34.71 21.34 5.54
N ASN A 137 -35.26 20.17 5.32
CA ASN A 137 -34.40 19.08 4.92
C ASN A 137 -33.96 18.94 3.47
N ASN A 138 -33.69 17.69 3.12
CA ASN A 138 -33.07 17.38 1.88
C ASN A 138 -32.99 18.35 0.73
N PHE A 139 -31.81 18.85 0.47
CA PHE A 139 -31.69 19.74 -0.63
C PHE A 139 -30.26 19.78 -1.13
N TYR A 140 -30.08 20.48 -2.23
CA TYR A 140 -28.83 20.83 -2.89
C TYR A 140 -29.31 22.04 -3.70
N PRO A 141 -28.54 23.15 -3.78
CA PRO A 141 -27.21 23.38 -3.16
C PRO A 141 -27.17 23.70 -1.67
N LYS A 142 -26.00 23.61 -1.01
CA LYS A 142 -25.78 23.83 0.44
C LYS A 142 -26.50 25.02 1.01
N ASP A 143 -26.44 25.98 0.13
CA ASP A 143 -26.98 27.30 0.39
C ASP A 143 -28.52 27.37 0.51
N ILE A 144 -29.12 27.72 1.64
CA ILE A 144 -30.53 27.76 1.81
C ILE A 144 -30.29 28.82 2.81
N ASN A 145 -31.10 29.86 2.79
CA ASN A 145 -31.01 31.13 3.52
C ASN A 145 -31.96 31.18 4.73
N VAL A 146 -31.98 31.49 6.01
CA VAL A 146 -33.32 31.24 6.48
C VAL A 146 -33.89 32.34 7.35
N LYS A 147 -35.20 32.73 7.44
CA LYS A 147 -35.55 33.86 8.27
C LYS A 147 -36.45 33.65 9.46
N TRP A 148 -36.71 34.52 10.45
CA TRP A 148 -37.66 34.22 11.53
C TRP A 148 -38.29 35.52 11.97
N LYS A 149 -39.59 35.44 11.91
CA LYS A 149 -40.43 36.55 12.22
C LYS A 149 -41.21 36.37 13.52
N ILE A 150 -41.34 37.35 14.39
CA ILE A 150 -42.25 37.25 15.52
C ILE A 150 -43.20 38.44 15.47
N ASP A 151 -44.39 37.92 15.22
CA ASP A 151 -45.63 38.63 15.16
C ASP A 151 -45.64 39.72 14.14
N GLY A 152 -44.73 39.55 13.14
CA GLY A 152 -44.66 40.45 11.97
C GLY A 152 -43.35 41.16 11.68
N SER A 153 -42.33 40.79 12.48
CA SER A 153 -40.90 41.08 12.23
C SER A 153 -40.09 39.80 12.33
N GLU A 154 -39.01 40.22 11.70
CA GLU A 154 -37.86 39.42 11.59
C GLU A 154 -37.36 39.34 13.03
N ARG A 155 -37.05 38.09 13.38
CA ARG A 155 -36.21 37.91 14.53
C ARG A 155 -34.77 37.74 13.94
N GLN A 156 -33.77 38.58 14.35
CA GLN A 156 -32.37 38.49 13.94
C GLN A 156 -31.94 37.93 15.27
N ASN A 157 -31.99 38.87 16.20
CA ASN A 157 -31.46 38.44 17.48
C ASN A 157 -31.88 37.06 18.02
N GLY A 158 -31.00 36.08 17.99
CA GLY A 158 -31.42 34.88 18.67
C GLY A 158 -31.20 33.59 17.89
N VAL A 159 -31.15 33.69 16.59
CA VAL A 159 -31.16 32.44 15.86
C VAL A 159 -29.90 31.60 16.01
N LEU A 160 -29.90 30.34 15.59
CA LEU A 160 -28.61 29.71 15.46
C LEU A 160 -28.76 28.61 14.43
N ASN A 161 -27.70 28.25 13.69
CA ASN A 161 -27.87 27.39 12.54
C ASN A 161 -26.70 26.48 12.29
N SER A 162 -26.91 25.33 11.65
CA SER A 162 -25.84 24.42 11.34
C SER A 162 -26.41 23.60 10.21
N TRP A 163 -25.62 23.05 9.28
CA TRP A 163 -26.12 22.16 8.26
C TRP A 163 -25.74 20.70 8.55
N THR A 164 -26.25 19.69 7.87
CA THR A 164 -25.85 18.31 8.06
C THR A 164 -24.62 18.29 7.25
N ASP A 165 -23.81 17.28 7.16
CA ASP A 165 -22.81 17.57 6.17
C ASP A 165 -23.50 16.87 5.03
N GLN A 166 -22.85 16.70 3.90
CA GLN A 166 -23.50 16.18 2.74
C GLN A 166 -23.90 14.73 2.76
N ASP A 167 -25.11 14.30 2.43
CA ASP A 167 -25.46 12.86 2.52
C ASP A 167 -25.06 11.86 1.43
N SER A 168 -24.42 10.88 2.04
CA SER A 168 -23.87 9.73 1.39
C SER A 168 -24.69 9.29 0.23
N LYS A 169 -25.82 8.74 0.69
CA LYS A 169 -26.74 8.20 -0.25
C LYS A 169 -27.02 9.19 -1.40
N ASP A 170 -27.58 10.40 -1.15
CA ASP A 170 -27.86 11.29 -2.28
C ASP A 170 -27.39 12.71 -2.09
N SER A 171 -26.20 12.94 -1.59
CA SER A 171 -25.63 14.26 -1.82
C SER A 171 -26.38 15.52 -1.43
N THR A 172 -27.65 15.41 -1.06
CA THR A 172 -28.48 16.50 -0.52
C THR A 172 -28.29 17.02 0.92
N TYR A 173 -28.14 18.28 1.35
CA TYR A 173 -27.90 18.43 2.81
C TYR A 173 -29.13 18.73 3.68
N SER A 174 -29.02 18.88 5.02
CA SER A 174 -30.19 19.31 5.75
C SER A 174 -29.65 20.47 6.60
N MET A 175 -30.44 21.21 7.38
CA MET A 175 -30.06 22.40 8.12
C MET A 175 -31.17 22.74 9.16
N SER A 176 -30.94 23.39 10.34
CA SER A 176 -31.95 23.54 11.41
C SER A 176 -31.76 24.94 11.84
N SER A 177 -32.77 25.83 11.82
CA SER A 177 -32.60 27.17 12.38
C SER A 177 -33.38 27.02 13.65
N THR A 178 -33.00 27.76 14.65
CA THR A 178 -33.60 27.55 15.94
C THR A 178 -33.66 28.89 16.61
N LEU A 179 -34.75 29.36 17.12
CA LEU A 179 -34.71 30.67 17.72
C LEU A 179 -34.64 30.00 19.07
N THR A 180 -33.80 30.40 20.01
CA THR A 180 -33.92 29.85 21.35
C THR A 180 -34.65 30.98 22.03
N LEU A 181 -35.82 30.73 22.65
CA LEU A 181 -36.42 31.81 23.40
C LEU A 181 -36.70 31.33 24.78
N THR A 182 -36.65 32.32 25.64
CA THR A 182 -37.15 32.09 26.98
C THR A 182 -38.68 31.72 26.89
N LYS A 183 -39.32 31.08 27.90
CA LYS A 183 -40.80 31.00 27.88
C LYS A 183 -41.45 32.39 28.11
N ASP A 184 -41.03 33.25 28.99
CA ASP A 184 -41.65 34.55 28.86
C ASP A 184 -41.82 35.40 27.53
N GLU A 185 -40.95 35.48 26.50
CA GLU A 185 -41.37 36.29 25.37
C GLU A 185 -41.96 35.31 24.30
N TYR A 186 -42.04 34.00 24.70
CA TYR A 186 -42.66 32.97 23.85
C TYR A 186 -44.03 33.41 24.28
N GLU A 187 -44.23 33.47 25.56
CA GLU A 187 -45.51 33.99 25.83
C GLU A 187 -45.66 35.42 25.27
N ARG A 188 -44.69 36.31 25.07
CA ARG A 188 -45.09 37.53 24.39
C ARG A 188 -45.61 37.36 22.91
N HIS A 189 -46.32 36.35 22.42
CA HIS A 189 -46.32 36.35 20.99
C HIS A 189 -47.24 35.34 20.41
N ASN A 190 -47.36 35.39 19.07
CA ASN A 190 -48.21 34.49 18.33
C ASN A 190 -47.70 34.06 16.98
N SER A 191 -47.18 34.70 15.98
CA SER A 191 -46.93 33.62 15.07
C SER A 191 -45.44 33.62 15.12
N TYR A 192 -44.75 32.53 14.73
CA TYR A 192 -43.30 32.46 14.66
C TYR A 192 -43.14 32.06 13.21
N THR A 193 -42.31 32.55 12.36
CA THR A 193 -42.39 32.03 11.02
C THR A 193 -40.91 31.89 10.80
N CYS A 194 -40.56 30.72 10.26
CA CYS A 194 -39.27 30.42 9.71
C CYS A 194 -39.57 30.55 8.23
N GLU A 195 -38.78 31.17 7.40
CA GLU A 195 -39.18 31.33 6.04
C GLU A 195 -37.86 31.31 5.27
N ALA A 196 -37.88 30.58 4.15
CA ALA A 196 -36.67 30.42 3.39
C ALA A 196 -36.65 30.52 1.88
N THR A 197 -35.62 31.19 1.45
CA THR A 197 -35.19 31.34 0.08
C THR A 197 -34.41 30.10 -0.33
N HIS A 198 -33.95 29.90 -1.59
CA HIS A 198 -33.04 28.81 -1.88
C HIS A 198 -32.85 28.63 -3.34
N LYS A 199 -31.71 28.67 -3.99
CA LYS A 199 -31.73 28.46 -5.44
C LYS A 199 -32.94 27.71 -6.11
N THR A 200 -33.73 26.93 -5.39
CA THR A 200 -34.68 26.16 -6.16
C THR A 200 -35.97 27.00 -6.16
N SER A 201 -36.10 28.27 -5.84
CA SER A 201 -37.41 28.86 -5.99
C SER A 201 -37.48 30.34 -6.03
N THR A 202 -38.77 30.48 -5.72
CA THR A 202 -38.98 31.88 -5.89
C THR A 202 -39.95 32.28 -4.84
N SER A 203 -40.82 31.36 -4.53
CA SER A 203 -41.52 31.65 -3.30
C SER A 203 -40.49 31.28 -2.21
N PRO A 204 -40.55 32.06 -1.12
CA PRO A 204 -39.93 31.67 0.13
C PRO A 204 -40.57 30.33 0.27
N ILE A 205 -40.09 29.53 1.21
CA ILE A 205 -40.75 28.27 1.46
C ILE A 205 -41.13 28.60 2.86
N VAL A 206 -42.28 28.28 3.41
CA VAL A 206 -42.51 28.62 4.76
C VAL A 206 -43.39 27.44 4.65
N ASP B 1 -0.35 -2.13 8.49
CA ASP B 1 0.92 -1.74 7.93
C ASP B 1 1.31 -0.35 8.59
N VAL B 2 2.60 0.03 8.88
CA VAL B 2 3.03 1.24 9.60
C VAL B 2 2.15 2.02 10.64
N GLN B 3 1.98 1.62 11.91
CA GLN B 3 1.04 2.35 12.78
C GLN B 3 1.52 3.27 13.91
N LEU B 4 0.98 4.51 13.94
CA LEU B 4 1.12 5.61 14.96
C LEU B 4 -0.12 5.72 15.91
N VAL B 5 -0.01 5.49 17.21
CA VAL B 5 -1.21 5.49 17.91
C VAL B 5 -1.22 6.57 18.89
N GLU B 6 -2.17 7.46 19.08
CA GLU B 6 -1.98 8.50 20.07
C GLU B 6 -2.56 8.03 21.39
N SER B 7 -2.34 8.78 22.48
CA SER B 7 -2.89 8.40 23.76
C SER B 7 -2.58 9.51 24.77
N GLY B 8 -3.04 10.78 24.77
CA GLY B 8 -2.74 11.61 25.93
C GLY B 8 -3.82 12.63 26.22
N GLY B 9 -4.97 12.34 25.66
CA GLY B 9 -5.88 13.44 25.45
C GLY B 9 -6.66 13.87 26.63
N GLY B 10 -7.38 14.94 26.66
CA GLY B 10 -8.02 15.08 27.90
C GLY B 10 -8.68 16.41 27.84
N LEU B 11 -9.10 16.98 28.96
CA LEU B 11 -9.74 18.25 28.88
C LEU B 11 -8.97 18.70 30.04
N VAL B 12 -8.24 19.78 29.81
CA VAL B 12 -7.29 20.36 30.74
C VAL B 12 -7.75 21.81 30.95
N GLN B 13 -7.73 22.31 32.19
CA GLN B 13 -8.10 23.66 32.66
C GLN B 13 -6.85 24.46 32.28
N PRO B 14 -6.89 25.71 31.79
CA PRO B 14 -5.70 26.41 31.28
C PRO B 14 -4.55 26.38 32.29
N GLY B 15 -3.30 26.59 31.88
CA GLY B 15 -2.29 26.63 32.91
C GLY B 15 -1.55 25.34 32.96
N GLY B 16 -2.14 24.18 32.88
CA GLY B 16 -1.35 23.03 33.23
C GLY B 16 -0.26 22.49 32.30
N SER B 17 -0.03 21.20 32.39
CA SER B 17 0.79 20.57 31.41
C SER B 17 0.03 19.29 31.16
N ARG B 18 0.73 18.78 30.13
CA ARG B 18 0.46 17.47 29.59
C ARG B 18 1.62 16.99 28.71
N LYS B 19 1.50 15.66 28.70
CA LYS B 19 2.51 14.97 27.96
C LYS B 19 1.74 14.20 26.91
N LEU B 20 1.82 14.42 25.62
CA LEU B 20 1.15 13.49 24.71
C LEU B 20 2.12 12.36 24.40
N SER B 21 1.71 11.12 24.31
CA SER B 21 2.77 10.23 23.93
C SER B 21 2.69 9.60 22.58
N CYS B 22 3.71 9.29 21.86
CA CYS B 22 3.19 8.47 20.75
C CYS B 22 3.80 7.10 20.56
N ALA B 23 2.94 6.15 20.20
CA ALA B 23 3.39 4.77 19.84
C ALA B 23 3.67 4.26 18.37
N ALA B 24 4.93 3.98 18.00
CA ALA B 24 5.25 3.54 16.67
C ALA B 24 5.33 1.98 16.56
N SER B 25 4.61 1.41 15.58
CA SER B 25 4.56 -0.01 15.31
C SER B 25 4.57 -0.11 13.81
N GLY B 26 5.41 -0.87 13.19
CA GLY B 26 5.25 -0.82 11.79
C GLY B 26 6.56 -0.82 11.07
N PHE B 27 7.66 -0.47 11.73
CA PHE B 27 8.88 -0.32 10.99
C PHE B 27 10.04 0.05 11.93
N THR B 28 11.26 0.15 11.49
CA THR B 28 12.26 0.60 12.41
C THR B 28 12.28 2.08 12.85
N PHE B 29 11.51 2.20 13.94
CA PHE B 29 11.28 3.51 14.56
C PHE B 29 12.53 4.33 14.36
N SER B 30 13.55 3.84 15.06
CA SER B 30 14.83 4.51 15.05
C SER B 30 15.14 4.93 13.64
N ASN B 31 14.60 4.49 12.53
CA ASN B 31 15.31 5.13 11.45
C ASN B 31 14.68 6.44 11.07
N PHE B 32 13.58 6.88 11.68
CA PHE B 32 13.00 8.11 11.20
C PHE B 32 12.90 9.07 12.32
N GLY B 33 12.56 10.30 11.98
CA GLY B 33 12.60 11.31 12.98
C GLY B 33 11.17 11.64 13.07
N MET B 34 10.61 12.27 14.04
CA MET B 34 9.19 12.27 14.02
C MET B 34 8.79 13.73 13.93
N HIS B 35 7.52 14.17 14.14
CA HIS B 35 7.13 15.56 14.10
C HIS B 35 5.86 15.66 14.86
N TRP B 36 5.31 16.75 15.28
CA TRP B 36 3.97 16.78 15.75
C TRP B 36 3.29 17.88 14.94
N VAL B 37 2.05 17.62 14.52
CA VAL B 37 1.10 18.47 13.77
C VAL B 37 -0.24 18.57 14.52
N ARG B 38 -0.76 19.81 14.64
CA ARG B 38 -1.99 20.03 15.36
C ARG B 38 -3.03 20.68 14.46
N GLN B 39 -4.29 20.31 14.69
CA GLN B 39 -5.36 20.83 13.84
C GLN B 39 -6.20 21.52 14.88
N ALA B 40 -6.22 22.84 14.85
CA ALA B 40 -6.95 23.64 15.80
C ALA B 40 -8.19 24.03 15.07
N PRO B 41 -9.35 24.28 15.69
CA PRO B 41 -10.58 24.48 14.92
C PRO B 41 -10.61 25.80 14.11
N GLU B 42 -11.53 25.81 13.14
CA GLU B 42 -11.58 27.06 12.35
C GLU B 42 -10.16 27.59 11.92
N LYS B 43 -9.16 27.58 12.85
CA LYS B 43 -7.82 28.03 12.41
C LYS B 43 -7.08 26.86 11.73
N GLY B 44 -5.80 26.77 11.42
CA GLY B 44 -5.47 25.56 10.63
C GLY B 44 -4.81 24.25 11.20
N LEU B 45 -4.07 23.70 10.29
CA LEU B 45 -3.33 22.54 10.65
C LEU B 45 -2.01 23.22 11.04
N GLU B 46 -1.54 23.16 12.28
CA GLU B 46 -0.28 23.82 12.55
C GLU B 46 0.61 22.64 12.98
N TRP B 47 1.88 22.82 12.61
CA TRP B 47 3.00 21.95 12.87
C TRP B 47 3.57 22.44 14.16
N VAL B 48 3.77 21.56 15.14
CA VAL B 48 4.19 22.01 16.44
C VAL B 48 5.61 21.59 16.97
N ALA B 49 6.46 20.67 16.50
CA ALA B 49 7.62 20.35 17.30
C ALA B 49 8.32 19.29 16.49
N TYR B 50 9.59 18.94 16.46
CA TYR B 50 9.97 17.87 15.57
C TYR B 50 11.01 17.01 16.24
N ILE B 51 11.11 15.70 16.48
CA ILE B 51 12.41 15.28 17.01
C ILE B 51 13.07 14.50 15.90
N SER B 52 14.38 14.72 15.78
CA SER B 52 15.21 14.06 14.78
C SER B 52 15.14 12.55 14.68
N SER B 53 15.71 11.94 13.65
CA SER B 53 15.74 10.47 13.67
C SER B 53 16.50 10.12 14.98
N GLY B 54 16.40 9.03 15.75
CA GLY B 54 17.22 9.09 16.99
C GLY B 54 17.78 10.43 17.71
N GLY B 55 17.23 11.58 18.08
CA GLY B 55 18.06 12.35 19.01
C GLY B 55 18.89 13.50 18.48
N SER B 56 19.49 13.53 17.32
CA SER B 56 20.31 14.69 16.96
C SER B 56 19.72 16.10 17.14
N SER B 57 18.59 16.41 16.49
CA SER B 57 17.81 17.71 16.51
C SER B 57 16.40 17.68 17.19
N ILE B 58 16.11 18.26 18.34
CA ILE B 58 14.77 18.18 18.82
C ILE B 58 14.51 19.52 18.19
N ASN B 59 13.39 19.91 17.56
CA ASN B 59 13.32 21.15 16.76
C ASN B 59 11.93 21.85 16.84
N TYR B 60 11.89 22.91 17.60
CA TYR B 60 10.67 23.61 17.99
C TYR B 60 9.96 24.73 17.20
N ALA B 61 8.63 24.89 17.31
CA ALA B 61 8.02 26.06 16.67
C ALA B 61 7.63 27.21 17.56
N ASP B 62 7.88 28.33 16.92
CA ASP B 62 7.75 29.56 17.64
C ASP B 62 6.58 29.56 18.57
N THR B 63 5.58 28.78 18.36
CA THR B 63 4.40 28.94 19.16
C THR B 63 4.40 27.90 20.23
N VAL B 64 5.42 27.12 20.41
CA VAL B 64 5.28 26.26 21.59
C VAL B 64 6.57 26.09 22.46
N LYS B 65 7.65 26.75 22.00
CA LYS B 65 8.97 26.46 22.51
C LYS B 65 9.14 27.08 23.86
N GLY B 66 9.60 26.35 24.82
CA GLY B 66 9.37 27.06 26.04
C GLY B 66 8.08 26.47 26.59
N ARG B 67 6.95 26.15 25.94
CA ARG B 67 6.13 25.29 26.73
C ARG B 67 6.39 23.87 26.24
N PHE B 68 6.48 23.63 24.92
CA PHE B 68 6.47 22.23 24.50
C PHE B 68 7.73 21.40 24.62
N THR B 69 7.49 20.11 24.83
CA THR B 69 8.64 19.22 24.78
C THR B 69 8.55 17.85 24.06
N ILE B 70 9.49 17.73 23.11
CA ILE B 70 9.68 16.55 22.30
C ILE B 70 10.58 15.45 22.90
N SER B 71 10.07 14.45 23.59
CA SER B 71 10.89 13.36 24.16
C SER B 71 10.77 12.11 23.26
N ARG B 72 11.87 11.43 22.97
CA ARG B 72 11.84 10.31 22.06
C ARG B 72 11.94 9.33 23.16
N ASP B 73 12.16 8.10 22.70
CA ASP B 73 12.37 6.86 23.48
C ASP B 73 12.73 5.64 22.60
N ASN B 74 13.61 5.68 21.61
CA ASN B 74 13.70 4.57 20.73
C ASN B 74 13.47 3.25 21.38
N PRO B 75 14.35 2.59 22.25
CA PRO B 75 14.17 1.22 22.74
C PRO B 75 12.73 0.94 22.98
N LYS B 76 12.03 1.78 23.73
CA LYS B 76 10.65 1.46 23.94
C LYS B 76 9.66 1.93 22.83
N ASN B 77 10.11 2.58 21.75
CA ASN B 77 9.25 2.89 20.58
C ASN B 77 8.05 3.80 20.78
N THR B 78 8.22 4.84 21.57
CA THR B 78 7.13 5.73 21.82
C THR B 78 7.65 7.14 21.75
N LEU B 79 6.84 8.01 21.16
CA LEU B 79 7.19 9.41 21.02
C LEU B 79 6.26 10.20 21.97
N PHE B 80 6.90 11.17 22.59
CA PHE B 80 6.23 11.98 23.56
C PHE B 80 6.35 13.48 23.18
N LEU B 81 5.39 14.23 23.72
CA LEU B 81 5.31 15.68 23.68
C LEU B 81 4.81 16.12 25.06
N GLN B 82 5.66 16.63 25.88
CA GLN B 82 5.20 16.92 27.19
C GLN B 82 4.83 18.36 27.12
N MET B 83 3.64 18.69 27.69
CA MET B 83 3.32 20.16 27.65
C MET B 83 3.12 20.74 29.02
N THR B 84 3.37 22.04 29.05
CA THR B 84 3.30 22.79 30.28
C THR B 84 2.82 24.22 30.06
N SER B 85 2.29 24.93 31.08
CA SER B 85 1.83 26.27 30.81
C SER B 85 0.84 26.07 29.66
N LEU B 86 -0.20 25.26 29.77
CA LEU B 86 -1.06 25.20 28.62
C LEU B 86 -2.12 26.30 28.55
N ARG B 87 -2.16 27.02 27.42
CA ARG B 87 -3.05 28.16 27.05
C ARG B 87 -4.35 27.62 26.43
N SER B 88 -5.39 28.47 26.37
CA SER B 88 -6.60 28.00 25.73
C SER B 88 -6.38 27.63 24.27
N GLU B 89 -5.58 28.53 23.64
CA GLU B 89 -5.12 28.55 22.25
C GLU B 89 -4.43 27.29 21.75
N ASP B 90 -4.38 26.26 22.62
CA ASP B 90 -3.73 24.99 22.35
C ASP B 90 -4.77 23.86 22.25
N THR B 91 -5.97 24.18 22.65
CA THR B 91 -7.00 23.19 22.56
C THR B 91 -6.91 22.72 21.08
N ALA B 92 -6.85 21.42 20.88
CA ALA B 92 -6.80 20.87 19.54
C ALA B 92 -6.65 19.35 19.30
N ILE B 93 -6.51 18.96 18.04
CA ILE B 93 -6.34 17.56 17.71
C ILE B 93 -4.84 17.59 17.38
N TYR B 94 -4.12 16.65 18.01
CA TYR B 94 -2.69 16.56 17.93
C TYR B 94 -2.32 15.40 17.11
N TYR B 95 -1.53 15.44 16.03
CA TYR B 95 -1.21 14.23 15.28
C TYR B 95 0.22 13.84 15.36
N CYS B 96 0.51 12.69 15.87
CA CYS B 96 1.85 12.10 15.83
C CYS B 96 2.13 11.78 14.36
N THR B 97 3.32 11.89 13.86
CA THR B 97 3.37 11.71 12.45
C THR B 97 4.67 11.34 11.88
N ARG B 98 4.72 10.46 10.91
CA ARG B 98 6.09 10.14 10.59
C ARG B 98 6.76 11.12 9.63
N GLY B 99 8.09 11.07 9.68
CA GLY B 99 9.05 11.77 8.81
C GLY B 99 9.01 11.20 7.40
N GLY B 100 10.02 11.12 6.57
CA GLY B 100 9.68 10.81 5.22
C GLY B 100 10.80 9.99 4.65
N THR B 101 11.94 10.65 4.59
CA THR B 101 13.09 9.91 4.13
C THR B 101 13.03 9.80 2.66
N GLY B 102 12.45 10.79 2.05
CA GLY B 102 12.28 10.64 0.60
C GLY B 102 13.34 11.50 -0.11
N THR B 103 13.29 12.84 0.07
CA THR B 103 14.18 13.65 -0.70
C THR B 103 14.37 15.11 -0.31
N ARG B 104 15.67 15.33 -0.46
CA ARG B 104 16.26 16.67 -0.44
C ARG B 104 15.82 17.54 0.71
N SER B 105 16.37 17.64 1.92
CA SER B 105 15.80 18.58 2.89
C SER B 105 14.27 18.70 2.90
N LEU B 106 13.53 17.93 2.10
CA LEU B 106 12.10 18.05 2.14
C LEU B 106 11.45 17.72 3.47
N TYR B 107 10.71 18.52 4.27
CA TYR B 107 10.06 17.81 5.36
C TYR B 107 8.62 17.43 5.09
N TYR B 108 8.38 16.14 4.88
CA TYR B 108 7.02 15.69 4.76
C TYR B 108 6.53 14.70 5.84
N PHE B 109 5.28 14.29 5.82
CA PHE B 109 4.80 13.52 6.92
C PHE B 109 4.10 12.42 6.18
N ASP B 110 4.89 11.35 5.99
CA ASP B 110 4.60 10.11 5.32
C ASP B 110 3.52 9.39 6.15
N TYR B 111 3.31 9.57 7.45
CA TYR B 111 2.34 8.81 8.23
C TYR B 111 1.98 9.59 9.43
N TRP B 112 0.71 9.45 9.67
CA TRP B 112 -0.04 10.26 10.58
C TRP B 112 -0.81 9.34 11.51
N GLY B 113 -0.95 9.59 12.79
CA GLY B 113 -1.74 8.72 13.64
C GLY B 113 -3.14 9.28 13.75
N GLN B 114 -3.95 8.80 14.66
CA GLN B 114 -5.37 9.09 14.68
C GLN B 114 -5.83 10.47 14.92
N GLY B 115 -4.96 11.17 15.55
CA GLY B 115 -5.43 12.42 16.03
C GLY B 115 -5.35 11.99 17.48
N ALA B 116 -5.39 12.89 18.47
CA ALA B 116 -5.43 12.61 19.89
C ALA B 116 -5.75 14.06 20.17
N THR B 117 -6.94 14.26 20.71
CA THR B 117 -7.50 15.59 20.93
C THR B 117 -7.38 16.04 22.37
N LEU B 118 -7.38 17.38 22.46
CA LEU B 118 -7.07 18.02 23.71
C LEU B 118 -7.81 19.30 24.00
N ILE B 119 -8.84 19.39 24.82
CA ILE B 119 -9.37 20.72 24.98
C ILE B 119 -8.77 21.56 26.13
N VAL B 120 -8.32 22.78 25.95
CA VAL B 120 -7.81 23.42 27.13
C VAL B 120 -9.03 24.29 27.40
N SER B 121 -9.66 24.11 28.57
CA SER B 121 -10.63 25.04 29.10
C SER B 121 -10.68 24.86 30.60
N SER B 122 -11.78 25.59 30.96
CA SER B 122 -12.12 25.93 32.38
C SER B 122 -13.53 25.57 32.85
N ALA B 123 -14.30 25.73 31.78
CA ALA B 123 -15.72 25.50 31.80
C ALA B 123 -15.94 24.10 32.38
N THR B 124 -17.02 23.69 33.02
CA THR B 124 -17.03 22.37 33.53
C THR B 124 -18.16 21.40 33.16
N THR B 125 -17.66 20.22 32.86
CA THR B 125 -18.51 19.12 32.47
C THR B 125 -20.01 19.08 32.76
N THR B 126 -20.86 19.49 31.83
CA THR B 126 -22.29 19.39 31.94
C THR B 126 -22.85 18.29 31.04
N ALA B 127 -23.85 17.64 31.59
CA ALA B 127 -24.53 16.54 30.99
C ALA B 127 -25.38 17.26 29.98
N PRO B 128 -25.83 16.59 28.90
CA PRO B 128 -26.77 17.09 27.89
C PRO B 128 -28.16 16.88 28.39
N SER B 129 -29.02 17.80 27.95
CA SER B 129 -30.43 17.75 28.28
C SER B 129 -31.31 17.25 27.15
N VAL B 130 -31.75 15.99 27.01
CA VAL B 130 -32.46 15.64 25.80
C VAL B 130 -33.79 16.32 25.77
N TYR B 131 -34.32 16.71 24.63
CA TYR B 131 -35.70 17.18 24.51
C TYR B 131 -36.39 16.56 23.29
N PRO B 132 -37.66 16.31 23.31
CA PRO B 132 -38.33 15.72 22.14
C PRO B 132 -38.40 16.59 20.89
N LEU B 133 -38.18 16.26 19.56
CA LEU B 133 -38.68 17.22 18.57
C LEU B 133 -40.00 16.63 18.06
N VAL B 134 -41.11 16.90 18.70
CA VAL B 134 -42.30 16.25 18.27
C VAL B 134 -43.08 17.35 17.63
N PRO B 135 -43.79 16.89 16.58
CA PRO B 135 -44.76 17.66 15.78
C PRO B 135 -46.25 17.56 16.31
N GLY B 136 -46.86 16.34 16.43
CA GLY B 136 -48.23 16.05 16.91
C GLY B 136 -48.60 14.61 16.44
N CYS B 137 -48.93 14.27 15.18
CA CYS B 137 -49.17 12.90 14.77
C CYS B 137 -49.13 13.29 13.30
N SER B 138 -48.74 12.40 12.37
CA SER B 138 -48.58 12.60 10.91
C SER B 138 -47.63 13.62 10.23
N ASP B 139 -48.03 14.80 10.71
CA ASP B 139 -47.41 16.04 10.36
C ASP B 139 -45.91 16.16 9.94
N THR B 140 -45.71 16.21 8.61
CA THR B 140 -44.41 16.68 8.07
C THR B 140 -44.78 17.49 6.86
N SER B 141 -44.55 16.65 5.85
CA SER B 141 -45.08 16.82 4.52
C SER B 141 -46.20 15.75 4.38
N GLY B 142 -45.93 14.47 4.13
CA GLY B 142 -47.11 13.72 3.80
C GLY B 142 -47.65 12.76 4.86
N SER B 143 -47.33 11.55 4.38
CA SER B 143 -47.46 10.30 5.15
C SER B 143 -46.02 9.64 5.22
N SER B 144 -45.38 10.45 6.10
CA SER B 144 -44.05 10.44 6.70
C SER B 144 -44.02 11.74 7.53
N VAL B 145 -43.52 11.54 8.76
CA VAL B 145 -43.31 12.62 9.72
C VAL B 145 -41.88 12.57 10.30
N THR B 146 -41.31 13.77 10.31
CA THR B 146 -39.99 13.94 10.78
C THR B 146 -40.02 14.14 12.28
N LEU B 147 -39.09 13.64 13.10
CA LEU B 147 -39.15 13.94 14.54
C LEU B 147 -37.81 14.53 15.00
N GLY B 148 -37.66 14.90 16.23
CA GLY B 148 -36.39 15.36 16.63
C GLY B 148 -36.33 15.31 18.15
N CYS B 149 -35.02 15.35 18.47
CA CYS B 149 -34.45 15.50 19.81
C CYS B 149 -33.48 16.63 19.74
N LEU B 150 -33.65 17.57 20.59
CA LEU B 150 -32.76 18.70 20.68
C LEU B 150 -31.91 18.25 21.86
N VAL B 151 -30.54 18.25 21.84
CA VAL B 151 -29.70 17.94 23.03
C VAL B 151 -28.91 19.21 23.38
N LYS B 152 -29.32 19.83 24.44
CA LYS B 152 -28.97 21.20 24.62
C LYS B 152 -28.24 21.60 25.90
N GLY B 153 -27.01 22.08 25.81
CA GLY B 153 -26.26 22.50 26.95
C GLY B 153 -25.07 21.60 27.18
N TYR B 154 -24.44 20.82 26.36
CA TYR B 154 -23.49 20.01 27.07
C TYR B 154 -22.23 20.75 26.81
N PHE B 155 -21.21 20.16 27.45
CA PHE B 155 -19.77 20.47 27.34
C PHE B 155 -19.19 19.16 27.86
N PRO B 156 -18.06 18.52 27.52
CA PRO B 156 -17.26 18.69 26.30
C PRO B 156 -17.91 17.74 25.34
N GLY B 157 -17.31 17.55 24.17
CA GLY B 157 -17.67 16.48 23.24
C GLY B 157 -17.36 14.96 23.65
N PRO B 158 -17.56 14.02 22.71
CA PRO B 158 -18.81 13.78 21.96
C PRO B 158 -20.10 13.66 22.80
N VAL B 159 -21.31 14.11 22.33
CA VAL B 159 -22.53 13.75 23.04
C VAL B 159 -23.03 12.94 21.85
N THR B 160 -23.82 11.83 21.90
CA THR B 160 -24.24 11.07 20.72
C THR B 160 -25.74 10.98 20.35
N VAL B 161 -26.50 11.41 19.32
CA VAL B 161 -27.84 10.81 19.36
C VAL B 161 -27.90 9.54 18.53
N LYS B 162 -28.37 8.45 19.11
CA LYS B 162 -28.61 7.21 18.42
C LYS B 162 -30.15 7.20 18.40
N TRP B 163 -30.68 6.74 17.25
CA TRP B 163 -32.10 6.76 17.00
C TRP B 163 -32.73 5.42 16.78
N ASN B 164 -33.01 4.89 15.60
CA ASN B 164 -33.63 3.54 15.50
C ASN B 164 -33.10 2.75 14.33
N TYR B 165 -32.78 1.45 14.47
CA TYR B 165 -32.39 0.86 13.20
C TYR B 165 -33.77 0.42 12.88
N GLY B 166 -34.00 0.32 11.54
CA GLY B 166 -35.26 -0.13 10.96
C GLY B 166 -35.73 0.76 9.79
N ALA B 167 -34.76 0.85 8.89
CA ALA B 167 -35.02 1.57 7.68
C ALA B 167 -36.02 0.79 6.72
N LEU B 168 -37.07 1.59 6.46
CA LEU B 168 -38.08 1.27 5.49
C LEU B 168 -38.53 2.73 5.53
N SER B 169 -37.34 3.36 5.47
CA SER B 169 -37.27 4.78 5.56
C SER B 169 -37.16 4.86 7.08
N SER B 170 -36.12 5.67 7.27
CA SER B 170 -35.61 6.01 8.59
C SER B 170 -34.31 6.79 8.24
N GLY B 171 -34.49 8.03 7.89
CA GLY B 171 -33.32 8.84 7.72
C GLY B 171 -33.13 9.68 8.98
N VAL B 172 -32.04 9.45 9.69
CA VAL B 172 -31.75 10.39 10.75
C VAL B 172 -30.80 11.43 10.13
N ARG B 173 -31.06 12.70 10.39
CA ARG B 173 -30.17 13.75 9.91
C ARG B 173 -29.76 14.37 11.22
N THR B 174 -28.49 14.34 11.59
CA THR B 174 -28.11 15.05 12.77
C THR B 174 -27.46 16.38 12.47
N VAL B 175 -28.08 17.51 12.74
CA VAL B 175 -27.27 18.62 12.43
C VAL B 175 -26.04 18.63 13.33
N SER B 176 -24.92 18.84 12.71
CA SER B 176 -23.70 19.01 13.41
C SER B 176 -23.85 20.27 14.31
N SER B 177 -22.94 20.31 15.25
CA SER B 177 -22.88 21.19 16.41
C SER B 177 -22.33 22.58 16.24
N VAL B 178 -22.50 23.44 17.28
CA VAL B 178 -22.02 24.82 17.31
C VAL B 178 -21.81 25.27 18.74
N LEU B 179 -20.85 26.05 19.21
CA LEU B 179 -20.87 26.51 20.62
C LEU B 179 -21.71 27.81 20.78
N GLN B 180 -22.36 27.96 21.89
CA GLN B 180 -23.24 29.05 22.16
C GLN B 180 -22.95 29.30 23.62
N SER B 181 -22.43 30.44 24.01
CA SER B 181 -22.26 30.54 25.45
C SER B 181 -21.24 29.60 26.01
N GLY B 182 -20.38 28.88 25.38
CA GLY B 182 -19.74 27.99 26.27
C GLY B 182 -20.39 26.60 26.26
N PHE B 183 -21.67 26.35 25.83
CA PHE B 183 -22.12 24.95 25.77
C PHE B 183 -22.42 24.49 24.38
N TYR B 184 -22.56 23.21 24.07
CA TYR B 184 -22.81 22.87 22.69
C TYR B 184 -24.18 22.42 22.81
N SER B 185 -24.78 22.40 21.62
CA SER B 185 -26.16 22.04 21.40
C SER B 185 -26.14 21.43 20.04
N LEU B 186 -27.07 20.55 19.70
CA LEU B 186 -27.19 19.98 18.38
C LEU B 186 -28.50 19.19 18.45
N SER B 187 -28.87 18.69 17.26
CA SER B 187 -30.14 18.00 16.94
C SER B 187 -30.10 16.85 15.94
N SER B 188 -30.90 15.86 16.15
CA SER B 188 -30.87 14.84 15.20
C SER B 188 -32.34 14.67 14.99
N LEU B 189 -32.67 14.55 13.72
CA LEU B 189 -34.02 14.33 13.29
C LEU B 189 -34.09 13.02 12.46
N VAL B 190 -35.20 12.37 12.27
CA VAL B 190 -35.20 11.12 11.52
C VAL B 190 -36.63 11.13 10.96
N THR B 191 -37.00 10.41 9.91
CA THR B 191 -38.35 10.51 9.47
C THR B 191 -38.95 9.17 9.26
N VAL B 192 -40.10 9.05 9.89
CA VAL B 192 -40.77 7.79 9.81
C VAL B 192 -41.99 8.18 8.99
N PRO B 193 -42.45 7.41 8.03
CA PRO B 193 -43.74 7.69 7.44
C PRO B 193 -44.88 7.18 8.35
N SER B 194 -45.93 7.97 8.13
CA SER B 194 -47.31 7.70 8.51
C SER B 194 -47.77 6.55 9.39
N SER B 195 -47.65 5.33 9.04
CA SER B 195 -48.27 4.39 9.89
C SER B 195 -47.68 4.38 11.31
N THR B 196 -46.39 4.24 11.12
CA THR B 196 -45.48 4.01 12.18
C THR B 196 -45.42 5.41 12.63
N TRP B 197 -45.78 5.41 13.90
CA TRP B 197 -45.91 6.60 14.72
C TRP B 197 -47.19 7.24 14.36
N PRO B 198 -47.87 7.75 15.33
CA PRO B 198 -47.70 7.38 16.70
C PRO B 198 -47.92 5.90 17.01
N SER B 199 -48.36 5.07 16.06
CA SER B 199 -48.44 3.65 16.34
C SER B 199 -47.22 3.08 17.21
N GLN B 200 -45.93 2.76 16.94
CA GLN B 200 -45.12 2.27 18.10
C GLN B 200 -43.87 3.13 18.36
N THR B 201 -43.74 3.46 19.67
CA THR B 201 -42.92 4.57 20.18
C THR B 201 -41.56 4.68 19.58
N VAL B 202 -41.13 5.88 19.02
CA VAL B 202 -39.74 6.06 18.47
C VAL B 202 -38.96 6.56 19.70
N ILE B 203 -37.65 6.77 19.67
CA ILE B 203 -37.01 7.11 20.90
C ILE B 203 -35.70 7.74 20.50
N CYS B 204 -35.12 8.67 21.31
CA CYS B 204 -33.71 9.04 20.91
C CYS B 204 -32.66 8.41 21.82
N ASN B 205 -31.51 7.84 21.50
CA ASN B 205 -30.87 7.42 22.73
C ASN B 205 -29.66 8.35 22.92
N VAL B 206 -29.59 9.24 23.93
CA VAL B 206 -28.47 10.20 24.02
C VAL B 206 -27.24 9.92 24.94
N ALA B 207 -26.01 9.70 24.48
CA ALA B 207 -25.01 9.34 25.44
C ALA B 207 -24.06 10.47 25.35
N HIS B 208 -23.37 10.79 26.45
CA HIS B 208 -22.34 11.82 26.50
C HIS B 208 -21.30 11.08 27.30
N PRO B 209 -20.31 10.50 26.64
CA PRO B 209 -18.90 10.43 27.08
C PRO B 209 -18.65 10.63 28.57
N ALA B 210 -18.69 11.83 29.10
CA ALA B 210 -18.72 11.92 30.53
C ALA B 210 -20.03 11.32 31.15
N SER B 211 -20.09 10.00 30.93
CA SER B 211 -21.06 8.99 31.37
C SER B 211 -22.59 9.16 31.57
N LYS B 212 -23.34 10.06 30.90
CA LYS B 212 -24.81 10.02 31.02
C LYS B 212 -25.54 9.52 29.74
N THR B 213 -26.69 8.88 29.97
CA THR B 213 -27.62 8.36 29.00
C THR B 213 -28.90 9.07 29.27
N ASP B 214 -29.53 9.63 28.25
CA ASP B 214 -30.89 10.18 28.39
C ASP B 214 -31.81 9.41 27.46
N LEU B 215 -33.10 9.42 27.43
CA LEU B 215 -33.62 8.47 26.52
C LEU B 215 -34.86 9.19 26.30
N ILE B 216 -35.39 9.24 25.09
CA ILE B 216 -36.66 9.87 24.87
C ILE B 216 -36.96 9.73 23.38
N LYS B 217 -38.28 10.01 23.37
CA LYS B 217 -39.06 10.43 22.23
C LYS B 217 -40.54 10.61 22.71
N ASP C 1 41.00 -22.70 -18.09
CA ASP C 1 41.09 -22.88 -16.62
C ASP C 1 40.71 -24.07 -17.35
N ILE C 2 40.20 -25.16 -16.80
CA ILE C 2 39.67 -26.39 -17.39
C ILE C 2 38.38 -25.82 -17.93
N GLN C 3 37.85 -26.38 -18.98
CA GLN C 3 36.49 -26.00 -19.24
C GLN C 3 35.50 -27.18 -19.43
N MET C 4 34.66 -27.09 -18.44
CA MET C 4 33.69 -28.13 -18.18
C MET C 4 32.67 -28.08 -19.26
N THR C 5 32.42 -29.11 -20.03
CA THR C 5 31.30 -28.68 -20.84
C THR C 5 30.02 -29.46 -20.78
N GLN C 6 28.92 -28.89 -20.32
CA GLN C 6 27.65 -29.63 -20.40
C GLN C 6 26.86 -29.16 -21.66
N ILE C 7 26.73 -29.94 -22.77
CA ILE C 7 25.98 -29.47 -23.94
C ILE C 7 24.76 -30.26 -23.57
N THR C 8 23.59 -29.66 -23.65
CA THR C 8 22.33 -30.22 -23.19
C THR C 8 21.97 -29.39 -21.94
N SER C 9 20.74 -28.85 -21.82
CA SER C 9 20.40 -27.93 -20.72
C SER C 9 18.97 -28.13 -20.23
N SER C 10 18.22 -28.16 -21.29
CA SER C 10 16.86 -28.54 -21.12
C SER C 10 17.09 -29.87 -21.78
N LEU C 11 16.31 -30.83 -21.37
CA LEU C 11 16.39 -32.19 -21.83
C LEU C 11 15.11 -32.57 -21.12
N SER C 12 14.18 -33.27 -21.80
CA SER C 12 12.90 -33.59 -21.22
C SER C 12 12.84 -35.04 -21.46
N VAL C 13 12.46 -35.59 -20.32
CA VAL C 13 12.37 -37.03 -20.12
C VAL C 13 11.07 -37.33 -19.32
N SER C 14 10.62 -38.55 -19.50
CA SER C 14 9.27 -38.84 -19.11
C SER C 14 9.45 -39.22 -17.69
N LEU C 15 8.47 -39.59 -16.91
CA LEU C 15 8.86 -39.91 -15.59
C LEU C 15 9.31 -41.28 -15.99
N GLY C 16 9.99 -42.05 -15.16
CA GLY C 16 10.31 -43.43 -15.45
C GLY C 16 11.65 -43.73 -16.12
N ASP C 17 11.98 -42.96 -17.16
CA ASP C 17 13.22 -43.22 -17.91
C ASP C 17 14.63 -42.88 -17.44
N ARG C 18 15.54 -43.72 -17.94
CA ARG C 18 16.93 -43.52 -17.66
C ARG C 18 17.14 -42.17 -18.29
N VAL C 19 18.10 -41.44 -17.72
CA VAL C 19 18.43 -40.04 -18.07
C VAL C 19 19.97 -40.09 -18.14
N ILE C 20 20.68 -40.12 -19.24
CA ILE C 20 22.03 -40.24 -18.79
C ILE C 20 22.36 -38.75 -18.91
N ILE C 21 23.11 -38.10 -17.96
CA ILE C 21 23.52 -36.72 -18.21
C ILE C 21 24.94 -36.36 -18.63
N SER C 22 25.25 -35.57 -19.61
CA SER C 22 26.65 -35.52 -20.01
C SER C 22 27.58 -34.33 -19.71
N CYS C 23 28.74 -34.53 -19.01
CA CYS C 23 29.61 -33.40 -18.74
C CYS C 23 30.91 -33.60 -19.52
N ARG C 24 31.58 -32.55 -20.03
CA ARG C 24 32.96 -32.59 -20.62
C ARG C 24 33.83 -31.37 -20.22
N ALA C 25 35.08 -31.79 -19.79
CA ALA C 25 36.23 -30.96 -19.37
C ALA C 25 37.33 -30.69 -20.42
N SER C 26 37.96 -29.51 -20.41
CA SER C 26 39.10 -29.31 -21.30
C SER C 26 40.33 -30.10 -20.90
N GLN C 27 40.75 -30.32 -19.69
CA GLN C 27 41.96 -31.07 -19.62
C GLN C 27 41.59 -32.49 -19.19
N ASP C 28 42.62 -33.37 -19.04
CA ASP C 28 42.39 -34.71 -18.52
C ASP C 28 42.25 -34.32 -17.06
N ILE C 29 41.06 -33.91 -16.66
CA ILE C 29 40.77 -33.48 -15.30
C ILE C 29 41.11 -34.66 -14.40
N GLY C 30 41.02 -35.89 -14.91
CA GLY C 30 41.27 -36.94 -13.97
C GLY C 30 40.12 -37.16 -12.96
N ASN C 31 39.33 -38.16 -13.31
CA ASN C 31 38.23 -38.60 -12.43
C ASN C 31 38.04 -37.78 -11.19
N PHE C 32 38.75 -36.66 -11.09
CA PHE C 32 38.36 -35.86 -9.93
C PHE C 32 37.08 -35.17 -10.26
N LEU C 33 36.01 -35.71 -10.85
CA LEU C 33 34.84 -34.88 -11.19
C LEU C 33 33.69 -35.06 -10.23
N ASN C 34 32.83 -34.06 -9.96
CA ASN C 34 31.72 -34.18 -8.98
C ASN C 34 30.34 -33.72 -9.51
N TRP C 35 29.18 -34.17 -8.99
CA TRP C 35 27.86 -33.85 -9.60
C TRP C 35 27.05 -33.17 -8.53
N TYR C 36 26.46 -31.95 -8.75
CA TYR C 36 25.60 -31.30 -7.75
C TYR C 36 24.19 -31.09 -8.39
N GLN C 37 23.19 -31.04 -7.52
CA GLN C 37 21.79 -31.01 -7.89
C GLN C 37 21.13 -29.67 -7.56
N GLN C 38 20.50 -28.83 -8.45
CA GLN C 38 19.90 -27.56 -8.04
C GLN C 38 18.37 -27.57 -8.16
N LYS C 39 17.74 -27.37 -7.01
CA LYS C 39 16.32 -27.40 -6.85
C LYS C 39 15.72 -26.11 -7.32
N PRO C 40 14.50 -26.32 -7.82
CA PRO C 40 13.50 -25.27 -8.06
C PRO C 40 13.38 -24.15 -7.06
N ASP C 41 14.11 -24.38 -6.01
CA ASP C 41 14.07 -23.40 -5.00
C ASP C 41 15.50 -23.63 -4.56
N GLY C 42 16.30 -22.56 -4.69
CA GLY C 42 17.70 -22.53 -4.24
C GLY C 42 18.26 -23.95 -4.03
N SER C 43 18.30 -24.40 -2.74
CA SER C 43 18.68 -25.78 -2.45
C SER C 43 19.83 -26.46 -3.19
N LEU C 44 21.08 -26.28 -2.78
CA LEU C 44 22.05 -27.20 -3.44
C LEU C 44 22.59 -28.57 -2.86
N LYS C 45 22.75 -29.66 -3.60
CA LYS C 45 23.27 -30.70 -2.79
C LYS C 45 24.40 -31.40 -3.47
N LEU C 46 25.21 -32.15 -2.75
CA LEU C 46 26.19 -32.96 -3.48
C LEU C 46 25.48 -34.25 -3.99
N LEU C 47 25.54 -34.68 -5.23
CA LEU C 47 24.81 -35.90 -5.44
C LEU C 47 25.80 -37.03 -5.41
N ILE C 48 26.82 -36.86 -6.25
CA ILE C 48 27.68 -37.99 -6.50
C ILE C 48 29.12 -37.50 -6.23
N TYR C 49 30.15 -38.19 -5.72
CA TYR C 49 31.46 -37.57 -5.69
C TYR C 49 32.63 -38.36 -6.22
N TYR C 50 33.90 -37.88 -6.33
CA TYR C 50 35.07 -38.63 -6.92
C TYR C 50 34.51 -39.47 -8.05
N THR C 51 34.19 -38.77 -9.13
CA THR C 51 33.42 -39.39 -10.18
C THR C 51 32.50 -40.50 -9.80
N SER C 52 32.60 -41.25 -8.75
CA SER C 52 31.51 -42.14 -8.73
C SER C 52 31.03 -42.23 -7.35
N ARG C 53 31.46 -41.39 -6.45
CA ARG C 53 30.98 -41.66 -5.12
C ARG C 53 29.63 -41.08 -4.84
N LEU C 54 28.79 -42.01 -4.47
CA LEU C 54 27.49 -41.60 -4.04
C LEU C 54 27.61 -40.87 -2.72
N GLN C 55 26.95 -39.74 -2.55
CA GLN C 55 26.84 -39.17 -1.23
C GLN C 55 25.69 -39.98 -0.58
N SER C 56 25.65 -39.91 0.74
CA SER C 56 24.84 -40.78 1.56
C SER C 56 23.36 -40.64 1.27
N GLY C 57 22.47 -41.56 1.67
CA GLY C 57 21.13 -41.18 1.31
C GLY C 57 21.05 -40.91 -0.22
N VAL C 58 21.97 -40.30 -0.98
CA VAL C 58 21.68 -40.27 -2.40
C VAL C 58 21.16 -41.63 -2.95
N PRO C 59 20.04 -41.57 -3.69
CA PRO C 59 19.19 -42.65 -4.15
C PRO C 59 19.89 -43.29 -5.28
N SER C 60 19.74 -44.61 -5.49
CA SER C 60 20.44 -45.31 -6.57
C SER C 60 20.15 -44.94 -8.04
N ARG C 61 19.44 -43.89 -8.40
CA ARG C 61 19.17 -43.95 -9.79
C ARG C 61 20.38 -43.40 -10.45
N PHE C 62 20.79 -42.69 -9.47
CA PHE C 62 21.92 -41.84 -9.58
C PHE C 62 23.25 -42.56 -9.78
N SER C 63 23.90 -42.47 -10.93
CA SER C 63 25.08 -43.27 -11.16
C SER C 63 25.99 -42.53 -12.14
N GLY C 64 27.32 -42.28 -12.01
CA GLY C 64 28.01 -41.56 -13.11
C GLY C 64 29.30 -42.24 -13.57
N TRP C 65 30.03 -42.09 -14.69
CA TRP C 65 31.14 -43.02 -14.91
C TRP C 65 31.61 -41.79 -15.56
N GLY C 66 32.84 -41.86 -16.04
CA GLY C 66 33.52 -40.79 -16.73
C GLY C 66 35.04 -41.03 -16.62
N SER C 67 35.83 -40.30 -17.39
CA SER C 67 37.25 -40.50 -17.26
C SER C 67 38.14 -39.50 -17.94
N GLY C 68 39.38 -39.28 -17.55
CA GLY C 68 40.17 -38.41 -18.43
C GLY C 68 39.42 -37.16 -18.93
N THR C 69 38.63 -37.14 -20.03
CA THR C 69 37.94 -35.91 -20.45
C THR C 69 36.44 -36.06 -20.53
N ASP C 70 35.88 -37.21 -20.23
CA ASP C 70 34.48 -37.17 -20.44
C ASP C 70 33.70 -37.93 -19.30
N TYR C 71 32.59 -37.36 -18.72
CA TYR C 71 31.77 -38.05 -17.68
C TYR C 71 30.22 -37.87 -17.62
N SER C 72 29.46 -38.65 -16.82
CA SER C 72 28.04 -38.59 -16.99
C SER C 72 27.18 -39.19 -15.92
N LEU C 73 26.07 -38.45 -15.85
CA LEU C 73 24.99 -38.68 -14.94
C LEU C 73 23.87 -39.29 -15.76
N THR C 74 23.69 -40.46 -15.17
CA THR C 74 22.69 -41.37 -15.58
C THR C 74 21.80 -41.45 -14.35
N ILE C 75 20.47 -41.24 -14.57
CA ILE C 75 19.42 -41.48 -13.58
C ILE C 75 18.84 -42.62 -14.36
N SER C 76 18.30 -43.60 -13.63
CA SER C 76 17.79 -44.84 -14.24
C SER C 76 16.32 -45.06 -14.18
N ASN C 77 15.59 -44.49 -13.18
CA ASN C 77 14.11 -44.59 -13.16
C ASN C 77 13.83 -43.18 -12.74
N LEU C 78 13.65 -42.26 -13.70
CA LEU C 78 13.43 -40.86 -13.35
C LEU C 78 12.38 -40.44 -12.31
N GLU C 79 12.62 -40.37 -11.04
CA GLU C 79 11.50 -39.81 -10.37
C GLU C 79 11.41 -38.26 -10.42
N GLU C 80 10.17 -37.77 -10.25
CA GLU C 80 9.65 -36.38 -10.20
C GLU C 80 10.49 -35.47 -9.29
N GLU C 81 10.42 -35.51 -7.98
CA GLU C 81 11.46 -34.77 -7.25
C GLU C 81 12.88 -35.23 -7.70
N ASP C 82 13.26 -35.34 -8.98
CA ASP C 82 14.66 -35.64 -9.43
C ASP C 82 14.91 -34.72 -10.65
N ILE C 83 13.91 -33.90 -10.97
CA ILE C 83 13.90 -32.90 -12.05
C ILE C 83 14.63 -31.63 -11.52
N ALA C 84 15.61 -30.86 -12.00
CA ALA C 84 16.10 -29.85 -11.08
C ALA C 84 17.15 -29.67 -12.12
N THR C 85 18.21 -28.89 -11.84
CA THR C 85 19.30 -28.55 -12.77
C THR C 85 20.33 -29.35 -11.99
N PHE C 86 21.39 -29.69 -12.71
CA PHE C 86 22.49 -30.51 -12.24
C PHE C 86 23.71 -29.84 -12.86
N PHE C 87 24.74 -29.66 -12.04
CA PHE C 87 25.93 -29.09 -12.63
C PHE C 87 26.84 -30.12 -12.00
N CYS C 88 28.08 -29.96 -12.49
CA CYS C 88 29.30 -30.64 -12.06
C CYS C 88 30.45 -29.61 -12.12
N GLN C 89 31.58 -30.06 -11.61
CA GLN C 89 32.77 -29.22 -11.64
C GLN C 89 34.01 -30.12 -11.36
N GLN C 90 35.17 -29.76 -11.91
CA GLN C 90 36.32 -30.52 -11.56
C GLN C 90 36.69 -29.90 -10.24
N GLY C 91 37.17 -30.70 -9.32
CA GLY C 91 37.51 -30.29 -7.96
C GLY C 91 38.90 -30.85 -7.61
N LYS C 92 39.57 -30.55 -8.74
CA LYS C 92 40.93 -30.79 -9.25
C LYS C 92 41.83 -29.61 -9.05
N THR C 93 41.57 -28.43 -9.56
CA THR C 93 42.65 -27.48 -9.61
C THR C 93 42.22 -26.08 -9.26
N LEU C 94 42.98 -25.03 -9.33
CA LEU C 94 42.27 -23.81 -9.13
C LEU C 94 42.06 -23.21 -10.49
N PRO C 95 41.10 -22.29 -10.69
CA PRO C 95 40.05 -21.97 -9.69
C PRO C 95 39.02 -23.12 -9.81
N TYR C 96 38.19 -23.60 -8.88
CA TYR C 96 37.33 -24.72 -9.30
C TYR C 96 36.22 -24.32 -10.29
N THR C 97 36.01 -25.17 -11.29
CA THR C 97 35.07 -24.86 -12.35
C THR C 97 33.85 -25.72 -12.62
N PHE C 98 32.76 -25.01 -12.77
CA PHE C 98 31.54 -25.77 -12.92
C PHE C 98 31.07 -25.85 -14.36
N GLY C 99 30.31 -26.87 -14.68
CA GLY C 99 29.63 -26.87 -15.98
C GLY C 99 28.31 -26.08 -15.92
N GLY C 100 27.96 -25.21 -16.84
CA GLY C 100 26.71 -24.48 -16.71
C GLY C 100 25.43 -25.24 -16.34
N GLY C 101 25.12 -26.51 -16.45
CA GLY C 101 23.78 -26.84 -16.01
C GLY C 101 22.76 -27.31 -17.07
N THR C 102 21.79 -28.16 -16.65
CA THR C 102 20.85 -28.87 -17.51
C THR C 102 19.48 -28.77 -16.88
N LYS C 103 18.54 -28.15 -17.58
CA LYS C 103 17.26 -27.96 -16.96
C LYS C 103 16.62 -29.18 -17.47
N LEU C 104 15.81 -29.83 -16.67
CA LEU C 104 15.31 -31.17 -16.98
C LEU C 104 13.80 -31.20 -16.74
N GLU C 105 13.16 -31.35 -17.91
CA GLU C 105 11.72 -31.22 -18.10
C GLU C 105 10.97 -32.49 -18.20
N ILE C 106 9.78 -32.14 -17.68
CA ILE C 106 8.63 -33.05 -17.73
C ILE C 106 8.04 -33.03 -19.17
N LYS C 107 8.48 -33.97 -19.99
CA LYS C 107 8.01 -33.84 -21.33
C LYS C 107 6.57 -34.30 -21.22
N ARG C 108 5.62 -33.56 -21.75
CA ARG C 108 4.21 -33.95 -21.63
C ARG C 108 3.39 -33.91 -22.90
N ALA C 109 2.11 -34.12 -22.54
CA ALA C 109 1.01 -34.26 -23.45
C ALA C 109 0.77 -32.90 -23.95
N ASP C 110 0.62 -32.76 -25.25
CA ASP C 110 0.49 -31.42 -25.73
C ASP C 110 -0.84 -30.86 -25.28
N ALA C 111 -1.00 -29.56 -25.45
CA ALA C 111 -2.23 -28.84 -25.12
C ALA C 111 -2.10 -27.53 -25.90
N ALA C 112 -3.32 -27.27 -26.32
CA ALA C 112 -3.64 -26.14 -27.14
C ALA C 112 -3.74 -25.17 -25.98
N PRO C 113 -3.66 -23.83 -26.10
CA PRO C 113 -3.75 -22.90 -25.00
C PRO C 113 -4.87 -21.85 -24.94
N THR C 114 -5.00 -21.03 -23.93
CA THR C 114 -6.11 -20.13 -23.80
C THR C 114 -5.72 -18.68 -23.66
N VAL C 115 -5.86 -17.92 -24.73
CA VAL C 115 -5.40 -16.53 -24.84
C VAL C 115 -6.20 -15.43 -24.06
N SER C 116 -5.72 -14.46 -23.32
CA SER C 116 -6.68 -13.59 -22.68
C SER C 116 -6.02 -12.34 -23.08
N ILE C 117 -6.70 -11.23 -23.19
CA ILE C 117 -6.12 -10.03 -23.72
C ILE C 117 -6.82 -8.98 -22.89
N PHE C 118 -6.12 -8.27 -22.05
CA PHE C 118 -6.74 -7.27 -21.22
C PHE C 118 -6.43 -5.90 -21.80
N PRO C 119 -7.27 -4.98 -22.21
CA PRO C 119 -6.93 -3.56 -22.38
C PRO C 119 -6.15 -2.78 -21.32
N PRO C 120 -5.27 -1.87 -21.72
CA PRO C 120 -4.39 -1.07 -20.84
C PRO C 120 -5.25 -0.56 -19.75
N SER C 121 -4.83 -0.27 -18.52
CA SER C 121 -5.80 0.07 -17.48
C SER C 121 -5.97 1.57 -17.39
N SER C 122 -7.00 1.75 -16.59
CA SER C 122 -7.59 3.04 -16.30
C SER C 122 -6.51 4.02 -15.92
N GLU C 123 -5.85 3.39 -14.94
CA GLU C 123 -4.75 3.96 -14.21
C GLU C 123 -3.45 4.16 -14.99
N GLN C 124 -3.14 3.24 -15.91
CA GLN C 124 -1.85 3.24 -16.58
C GLN C 124 -1.68 4.43 -17.48
N LEU C 125 -2.76 4.49 -18.32
CA LEU C 125 -2.99 5.56 -19.27
C LEU C 125 -3.07 6.87 -18.51
N THR C 126 -3.73 6.91 -17.36
CA THR C 126 -3.64 8.08 -16.45
C THR C 126 -2.14 8.15 -16.08
N SER C 127 -1.45 7.05 -15.73
CA SER C 127 -0.02 7.17 -15.72
C SER C 127 0.34 7.75 -17.06
N GLY C 128 -0.41 7.80 -18.12
CA GLY C 128 0.26 8.28 -19.31
C GLY C 128 0.64 7.05 -20.11
N GLY C 129 0.66 5.87 -19.53
CA GLY C 129 1.23 4.84 -20.35
C GLY C 129 0.32 3.67 -20.59
N ALA C 130 0.75 2.79 -21.48
CA ALA C 130 -0.12 1.70 -21.80
C ALA C 130 0.52 0.31 -22.00
N SER C 131 0.13 -0.67 -21.26
CA SER C 131 0.79 -1.88 -21.58
C SER C 131 -0.44 -2.69 -21.87
N VAL C 132 -0.37 -3.39 -22.97
CA VAL C 132 -1.47 -4.25 -23.36
C VAL C 132 -1.07 -5.69 -23.06
N VAL C 133 -1.70 -6.43 -22.18
CA VAL C 133 -1.18 -7.75 -21.87
C VAL C 133 -1.85 -8.85 -22.64
N CYS C 134 -1.18 -9.83 -23.17
CA CYS C 134 -1.93 -10.87 -23.80
C CYS C 134 -1.48 -12.12 -23.13
N PHE C 135 -2.40 -12.81 -22.49
CA PHE C 135 -1.97 -13.86 -21.60
C PHE C 135 -2.35 -15.17 -22.30
N LEU C 136 -1.41 -16.17 -22.35
CA LEU C 136 -1.62 -17.51 -22.94
C LEU C 136 -1.21 -18.50 -21.90
N ASN C 137 -2.25 -19.13 -21.46
CA ASN C 137 -2.30 -19.87 -20.22
C ASN C 137 -2.31 -21.37 -20.31
N ASN C 138 -1.50 -21.95 -19.48
CA ASN C 138 -1.46 -23.35 -19.48
C ASN C 138 -0.91 -24.02 -20.67
N PHE C 139 0.10 -23.76 -21.48
CA PHE C 139 0.12 -24.81 -22.49
C PHE C 139 1.31 -25.74 -22.37
N TYR C 140 1.45 -26.58 -23.41
CA TYR C 140 2.53 -27.53 -23.57
C TYR C 140 2.76 -27.98 -25.04
N PRO C 141 3.87 -27.95 -25.81
CA PRO C 141 5.02 -27.04 -25.85
C PRO C 141 5.16 -25.57 -25.53
N LYS C 142 6.31 -25.52 -24.90
CA LYS C 142 6.76 -24.29 -24.36
C LYS C 142 6.69 -23.23 -25.46
N ASP C 143 7.12 -23.77 -26.61
CA ASP C 143 7.20 -23.06 -27.88
C ASP C 143 5.87 -22.53 -28.23
N ILE C 144 5.84 -21.27 -28.57
CA ILE C 144 4.55 -20.72 -28.89
C ILE C 144 4.85 -19.48 -29.65
N ASN C 145 4.61 -19.38 -30.92
CA ASN C 145 5.06 -18.19 -31.56
C ASN C 145 4.02 -17.13 -31.21
N VAL C 146 4.14 -15.87 -30.81
CA VAL C 146 2.96 -15.00 -30.63
C VAL C 146 2.95 -13.86 -31.72
N LYS C 147 2.11 -12.84 -31.75
CA LYS C 147 2.24 -11.78 -32.70
C LYS C 147 1.08 -10.81 -32.37
N TRP C 148 1.16 -9.58 -32.74
CA TRP C 148 0.26 -8.65 -32.21
C TRP C 148 -0.06 -7.95 -33.45
N LYS C 149 -1.22 -7.44 -33.67
CA LYS C 149 -1.46 -6.58 -34.83
C LYS C 149 -2.18 -5.34 -34.26
N ILE C 150 -1.87 -4.13 -34.76
CA ILE C 150 -2.48 -2.95 -34.22
C ILE C 150 -3.11 -2.89 -35.56
N ASP C 151 -4.33 -2.36 -35.62
CA ASP C 151 -5.16 -2.33 -36.80
C ASP C 151 -4.79 -3.28 -37.93
N GLY C 152 -3.97 -4.33 -37.63
CA GLY C 152 -3.64 -5.31 -38.65
C GLY C 152 -2.31 -4.89 -39.16
N SER C 153 -1.29 -5.30 -38.51
CA SER C 153 -0.07 -5.01 -39.15
C SER C 153 1.02 -5.54 -38.29
N GLU C 154 2.30 -5.76 -38.49
CA GLU C 154 2.65 -6.46 -37.31
C GLU C 154 3.05 -5.33 -36.45
N ARG C 155 3.03 -5.59 -35.14
CA ARG C 155 3.75 -4.69 -34.27
C ARG C 155 5.10 -5.42 -34.16
N GLN C 156 6.27 -4.85 -34.45
CA GLN C 156 7.43 -5.70 -34.10
C GLN C 156 8.16 -5.33 -32.75
N ASN C 157 8.32 -4.04 -32.53
CA ASN C 157 9.07 -3.63 -31.37
C ASN C 157 8.06 -2.98 -30.38
N GLY C 158 7.98 -3.46 -29.16
CA GLY C 158 6.90 -2.99 -28.30
C GLY C 158 6.35 -4.20 -27.52
N VAL C 159 7.02 -5.33 -27.71
CA VAL C 159 6.56 -6.53 -27.15
C VAL C 159 7.44 -7.19 -26.13
N LEU C 160 7.25 -7.29 -24.83
CA LEU C 160 8.15 -8.18 -24.08
C LEU C 160 7.52 -9.58 -23.94
N ASN C 161 8.15 -10.79 -23.89
CA ASN C 161 7.42 -12.08 -23.69
C ASN C 161 7.76 -12.87 -22.46
N SER C 162 7.03 -13.46 -21.59
CA SER C 162 7.74 -14.35 -20.73
C SER C 162 6.82 -15.45 -20.26
N TRP C 163 7.62 -16.40 -19.87
CA TRP C 163 7.10 -17.69 -19.50
C TRP C 163 7.28 -18.00 -18.01
N THR C 164 6.51 -18.98 -17.56
CA THR C 164 6.67 -19.39 -16.20
C THR C 164 7.46 -20.68 -16.45
N ASP C 165 7.66 -21.65 -15.54
CA ASP C 165 8.57 -22.80 -15.76
C ASP C 165 7.51 -23.82 -15.52
N GLN C 166 7.58 -25.06 -15.98
CA GLN C 166 6.42 -25.94 -15.96
C GLN C 166 5.47 -25.96 -14.73
N ASP C 167 4.15 -25.82 -14.81
CA ASP C 167 3.49 -25.76 -13.54
C ASP C 167 3.71 -27.08 -12.92
N SER C 168 4.14 -26.59 -11.76
CA SER C 168 4.36 -27.50 -10.69
C SER C 168 3.31 -28.64 -10.73
N LYS C 169 1.99 -28.44 -10.66
CA LYS C 169 1.15 -29.64 -10.57
C LYS C 169 0.73 -30.22 -11.91
N ASP C 170 0.86 -29.47 -13.00
CA ASP C 170 0.43 -30.11 -14.22
C ASP C 170 1.47 -29.91 -15.29
N SER C 171 2.74 -29.67 -15.02
CA SER C 171 3.58 -29.53 -16.19
C SER C 171 3.01 -28.61 -17.28
N THR C 172 2.30 -27.49 -17.12
CA THR C 172 1.81 -26.74 -18.25
C THR C 172 2.52 -25.37 -18.22
N TYR C 173 2.69 -24.60 -19.28
CA TYR C 173 3.52 -23.41 -19.26
C TYR C 173 2.68 -22.20 -19.64
N SER C 174 2.85 -20.92 -19.24
CA SER C 174 1.96 -19.90 -19.71
C SER C 174 2.74 -18.71 -20.16
N MET C 175 2.14 -17.83 -20.96
CA MET C 175 2.81 -16.69 -21.58
C MET C 175 2.11 -15.31 -21.44
N SER C 176 2.95 -14.29 -21.32
CA SER C 176 2.49 -12.93 -21.15
C SER C 176 3.27 -12.10 -22.17
N SER C 177 2.59 -11.60 -23.21
CA SER C 177 3.30 -10.85 -24.22
C SER C 177 2.77 -9.54 -23.70
N THR C 178 3.58 -8.55 -23.40
CA THR C 178 3.01 -7.27 -23.14
C THR C 178 3.38 -6.46 -24.39
N LEU C 179 2.54 -5.58 -24.88
CA LEU C 179 2.94 -4.70 -25.94
C LEU C 179 2.97 -3.35 -25.25
N THR C 180 4.02 -2.55 -25.14
CA THR C 180 3.70 -1.34 -24.43
C THR C 180 3.60 -0.15 -25.33
N LEU C 181 2.45 0.52 -25.18
CA LEU C 181 2.22 1.72 -25.95
C LEU C 181 2.16 2.99 -25.09
N THR C 182 2.18 4.08 -25.84
CA THR C 182 2.07 5.42 -25.28
C THR C 182 0.63 5.88 -25.25
N LYS C 183 0.19 6.49 -24.17
CA LYS C 183 -1.21 6.86 -24.12
C LYS C 183 -1.58 7.50 -25.41
N ASP C 184 -0.50 8.09 -25.97
CA ASP C 184 -0.68 8.76 -27.23
C ASP C 184 -0.67 7.75 -28.41
N GLU C 185 0.34 6.95 -28.74
CA GLU C 185 0.17 6.13 -29.92
C GLU C 185 -1.00 5.19 -29.63
N TYR C 186 -1.33 5.03 -28.32
CA TYR C 186 -2.38 4.08 -28.02
C TYR C 186 -3.60 4.64 -28.73
N GLU C 187 -4.14 5.72 -28.15
CA GLU C 187 -5.38 6.28 -28.70
C GLU C 187 -5.57 6.44 -30.24
N ARG C 188 -4.49 6.50 -30.98
CA ARG C 188 -4.56 6.42 -32.41
C ARG C 188 -5.15 5.05 -32.97
N HIS C 189 -4.88 3.79 -32.54
CA HIS C 189 -5.41 2.70 -33.35
C HIS C 189 -6.58 1.95 -32.74
N ASN C 190 -7.53 1.21 -33.32
CA ASN C 190 -8.43 0.51 -32.39
C ASN C 190 -8.01 -0.91 -32.09
N SER C 191 -8.09 -1.71 -33.17
CA SER C 191 -7.75 -3.10 -33.00
C SER C 191 -6.45 -3.31 -32.28
N TYR C 192 -6.48 -4.21 -31.33
CA TYR C 192 -5.22 -4.53 -30.81
C TYR C 192 -5.19 -6.00 -31.09
N THR C 193 -4.41 -6.70 -31.88
CA THR C 193 -4.74 -8.11 -31.88
C THR C 193 -3.61 -8.88 -31.25
N CYS C 194 -3.80 -9.84 -30.31
CA CYS C 194 -2.70 -10.69 -29.83
C CYS C 194 -2.78 -11.99 -30.61
N GLU C 195 -1.87 -12.64 -31.29
CA GLU C 195 -2.37 -13.82 -32.06
C GLU C 195 -1.38 -14.98 -32.02
N ALA C 196 -1.82 -16.14 -31.57
CA ALA C 196 -0.90 -17.22 -31.26
C ALA C 196 -0.81 -18.28 -32.28
N THR C 197 0.34 -18.79 -32.54
CA THR C 197 0.42 -19.84 -33.50
C THR C 197 0.72 -20.91 -32.49
N HIS C 198 0.17 -22.13 -32.44
CA HIS C 198 0.60 -23.06 -31.39
C HIS C 198 0.67 -24.53 -31.87
N LYS C 199 1.72 -25.35 -31.73
CA LYS C 199 1.64 -26.76 -32.20
C LYS C 199 0.31 -27.61 -32.18
N THR C 200 -0.63 -27.45 -31.21
CA THR C 200 -1.87 -28.17 -31.07
C THR C 200 -2.92 -27.59 -31.99
N SER C 201 -2.62 -26.69 -32.92
CA SER C 201 -3.72 -26.24 -33.70
C SER C 201 -3.09 -26.04 -35.06
N THR C 202 -3.94 -26.09 -36.12
CA THR C 202 -3.57 -25.65 -37.46
C THR C 202 -4.31 -24.33 -37.89
N SER C 203 -4.70 -23.56 -36.87
CA SER C 203 -5.08 -22.21 -37.16
C SER C 203 -5.09 -21.44 -35.85
N PRO C 204 -4.91 -20.19 -36.16
CA PRO C 204 -4.10 -19.33 -35.38
C PRO C 204 -5.00 -18.96 -34.25
N ILE C 205 -4.50 -19.03 -33.02
CA ILE C 205 -5.27 -18.57 -31.86
C ILE C 205 -5.35 -16.98 -31.88
N VAL C 206 -6.48 -16.28 -31.82
CA VAL C 206 -6.55 -14.84 -32.04
C VAL C 206 -7.47 -14.38 -30.91
N ASP D 1 20.59 -31.84 9.43
CA ASP D 1 21.62 -31.59 10.48
C ASP D 1 22.83 -30.98 9.73
N VAL D 2 23.75 -30.17 10.23
CA VAL D 2 24.70 -29.54 9.31
C VAL D 2 24.10 -28.33 8.55
N GLN D 3 23.81 -27.33 9.39
CA GLN D 3 23.10 -26.15 8.97
C GLN D 3 24.10 -25.06 8.66
N LEU D 4 24.17 -24.43 7.49
CA LEU D 4 25.08 -23.29 7.33
C LEU D 4 24.17 -22.11 7.00
N VAL D 5 23.95 -21.03 7.71
CA VAL D 5 23.20 -20.02 6.99
C VAL D 5 24.02 -18.71 6.76
N GLU D 6 23.88 -18.00 5.63
CA GLU D 6 24.69 -16.82 5.36
C GLU D 6 24.09 -15.58 6.00
N SER D 7 24.79 -14.44 6.07
CA SER D 7 24.15 -13.21 6.56
C SER D 7 24.44 -11.85 5.95
N GLY D 8 25.35 -11.54 5.06
CA GLY D 8 25.40 -10.13 4.66
C GLY D 8 24.79 -9.73 3.29
N GLY D 9 23.54 -9.58 3.01
CA GLY D 9 23.44 -9.33 1.59
C GLY D 9 23.14 -7.89 1.50
N GLY D 10 22.60 -7.53 0.33
CA GLY D 10 22.13 -6.18 0.06
C GLY D 10 22.19 -5.69 -1.39
N LEU D 11 21.80 -4.43 -1.56
CA LEU D 11 21.84 -3.76 -2.84
C LEU D 11 23.06 -2.93 -2.49
N VAL D 12 24.13 -2.87 -3.20
CA VAL D 12 25.19 -2.08 -2.60
C VAL D 12 25.61 -1.10 -3.71
N GLN D 13 26.16 0.07 -3.40
CA GLN D 13 26.40 0.91 -4.55
C GLN D 13 27.78 0.54 -4.89
N PRO D 14 27.98 0.57 -6.17
CA PRO D 14 29.21 0.14 -6.84
C PRO D 14 30.41 0.94 -6.39
N GLY D 15 31.47 0.16 -6.09
CA GLY D 15 32.73 0.71 -5.67
C GLY D 15 32.92 0.25 -4.25
N GLY D 16 31.82 0.28 -3.45
CA GLY D 16 31.75 -0.04 -1.99
C GLY D 16 31.98 -1.44 -1.35
N SER D 17 31.26 -1.93 -0.34
CA SER D 17 31.66 -3.22 0.17
C SER D 17 30.67 -3.89 1.10
N ARG D 18 30.84 -5.08 1.67
CA ARG D 18 29.83 -5.69 2.52
C ARG D 18 30.96 -6.60 2.84
N LYS D 19 30.59 -7.46 3.75
CA LYS D 19 31.45 -8.43 4.35
C LYS D 19 30.21 -9.29 4.61
N LEU D 20 30.48 -10.58 4.40
CA LEU D 20 29.46 -11.58 4.45
C LEU D 20 30.10 -12.36 5.58
N SER D 21 29.20 -13.05 6.31
CA SER D 21 29.44 -13.71 7.57
C SER D 21 28.56 -14.94 7.29
N CYS D 22 28.83 -16.14 7.88
CA CYS D 22 28.16 -17.43 7.65
C CYS D 22 27.94 -18.17 8.96
N ALA D 23 26.86 -18.42 9.71
CA ALA D 23 26.92 -19.18 10.97
C ALA D 23 26.97 -20.69 10.78
N ALA D 24 28.08 -21.28 11.18
CA ALA D 24 28.25 -22.69 10.90
C ALA D 24 27.56 -23.52 12.01
N SER D 25 27.10 -24.77 11.87
CA SER D 25 26.50 -25.43 12.98
C SER D 25 26.36 -26.88 12.61
N GLY D 26 26.30 -27.87 13.51
CA GLY D 26 26.07 -29.31 13.25
C GLY D 26 27.29 -30.28 13.14
N PHE D 27 28.55 -29.84 13.39
CA PHE D 27 29.79 -30.65 13.24
C PHE D 27 30.91 -29.85 13.86
N THR D 28 32.14 -30.30 13.86
CA THR D 28 33.07 -29.46 14.55
C THR D 28 33.66 -28.43 13.57
N PHE D 29 33.35 -27.11 13.61
CA PHE D 29 33.82 -26.18 12.55
C PHE D 29 35.29 -26.28 12.18
N SER D 30 36.14 -26.39 13.20
CA SER D 30 37.55 -26.48 13.02
C SER D 30 37.80 -27.70 12.23
N ASN D 31 37.09 -28.76 12.20
CA ASN D 31 37.90 -29.59 11.41
C ASN D 31 37.57 -29.38 9.94
N PHE D 32 37.11 -28.29 9.32
CA PHE D 32 36.88 -28.49 7.90
C PHE D 32 37.30 -27.37 6.97
N GLY D 33 37.94 -27.41 5.81
CA GLY D 33 38.14 -26.10 5.15
C GLY D 33 36.87 -25.36 4.63
N MET D 34 36.56 -24.08 4.63
CA MET D 34 35.24 -23.71 4.17
C MET D 34 35.42 -23.21 2.78
N HIS D 35 34.40 -22.88 2.04
CA HIS D 35 34.63 -22.32 0.71
C HIS D 35 33.36 -21.52 0.44
N TRP D 36 33.48 -20.62 -0.46
CA TRP D 36 32.40 -19.76 -0.81
C TRP D 36 32.25 -19.97 -2.27
N VAL D 37 31.03 -20.26 -2.71
CA VAL D 37 30.79 -20.40 -4.12
C VAL D 37 29.70 -19.39 -4.45
N ARG D 38 29.82 -18.75 -5.63
CA ARG D 38 28.74 -17.90 -6.06
C ARG D 38 28.06 -18.26 -7.41
N GLN D 39 26.86 -17.74 -7.49
CA GLN D 39 25.97 -17.95 -8.64
C GLN D 39 25.33 -16.66 -9.23
N ALA D 40 26.11 -15.99 -10.05
CA ALA D 40 25.52 -14.84 -10.64
C ALA D 40 24.98 -15.50 -11.91
N PRO D 41 24.08 -14.88 -12.68
CA PRO D 41 23.07 -15.56 -13.49
C PRO D 41 23.27 -15.64 -15.01
N GLU D 42 22.25 -16.00 -15.81
CA GLU D 42 22.64 -16.08 -17.18
C GLU D 42 23.97 -16.81 -17.06
N LYS D 43 24.70 -16.45 -16.02
CA LYS D 43 25.73 -17.44 -15.80
C LYS D 43 25.25 -18.22 -14.57
N GLY D 44 26.25 -19.04 -14.20
CA GLY D 44 26.02 -20.06 -13.18
C GLY D 44 26.80 -20.04 -11.86
N LEU D 45 27.59 -21.06 -11.62
CA LEU D 45 28.25 -21.08 -10.36
C LEU D 45 29.63 -20.59 -10.77
N GLU D 46 30.27 -20.13 -9.71
CA GLU D 46 31.59 -19.58 -9.81
C GLU D 46 32.15 -19.81 -8.43
N TRP D 47 33.24 -20.55 -8.35
CA TRP D 47 33.88 -20.84 -7.07
C TRP D 47 34.42 -19.46 -6.69
N VAL D 48 34.92 -19.11 -5.51
CA VAL D 48 35.18 -17.72 -5.29
C VAL D 48 36.08 -17.59 -4.07
N ALA D 49 36.13 -18.47 -3.08
CA ALA D 49 37.09 -18.24 -1.98
C ALA D 49 37.40 -19.48 -1.04
N TYR D 50 38.56 -19.87 -0.48
CA TYR D 50 38.47 -21.03 0.38
C TYR D 50 39.42 -20.86 1.50
N ILE D 51 39.21 -21.49 2.69
CA ILE D 51 40.06 -21.40 3.87
C ILE D 51 39.91 -22.67 4.68
N SER D 52 41.12 -23.17 4.91
CA SER D 52 41.44 -24.44 5.51
C SER D 52 40.80 -24.52 6.81
N SER D 53 40.65 -25.69 7.37
CA SER D 53 40.17 -25.56 8.70
C SER D 53 41.23 -24.70 9.46
N GLY D 54 40.97 -23.84 10.43
CA GLY D 54 42.18 -23.28 11.00
C GLY D 54 43.01 -22.27 10.18
N GLY D 55 43.06 -22.04 8.86
CA GLY D 55 43.74 -20.80 8.41
C GLY D 55 45.11 -20.81 7.75
N SER D 56 45.72 -21.95 7.55
CA SER D 56 47.00 -21.84 6.89
C SER D 56 46.96 -21.50 5.44
N SER D 57 45.79 -21.67 4.82
CA SER D 57 45.69 -21.47 3.38
C SER D 57 44.50 -20.69 2.90
N ILE D 58 44.68 -19.75 2.02
CA ILE D 58 43.49 -19.17 1.52
C ILE D 58 43.63 -19.41 0.02
N ASN D 59 42.67 -19.63 -0.83
CA ASN D 59 42.98 -19.75 -2.21
C ASN D 59 41.84 -19.00 -2.79
N TYR D 60 42.06 -17.91 -3.58
CA TYR D 60 40.96 -17.11 -4.20
C TYR D 60 40.82 -17.13 -5.71
N ALA D 61 39.69 -16.74 -6.20
CA ALA D 61 39.59 -16.74 -7.63
C ALA D 61 40.46 -15.67 -8.28
N ASP D 62 40.83 -15.88 -9.55
CA ASP D 62 41.50 -14.86 -10.31
C ASP D 62 40.50 -13.71 -10.21
N THR D 63 39.30 -14.05 -10.61
CA THR D 63 38.14 -13.19 -10.48
C THR D 63 37.95 -12.20 -9.31
N VAL D 64 38.27 -12.47 -8.02
CA VAL D 64 38.07 -11.48 -6.94
C VAL D 64 39.35 -11.27 -6.09
N LYS D 65 40.48 -11.86 -6.48
CA LYS D 65 41.65 -11.71 -5.66
C LYS D 65 42.15 -10.25 -5.68
N GLY D 66 42.73 -9.71 -4.58
CA GLY D 66 43.11 -8.30 -4.50
C GLY D 66 42.00 -7.54 -3.74
N ARG D 67 40.75 -7.90 -4.05
CA ARG D 67 39.57 -7.27 -3.48
C ARG D 67 38.91 -7.91 -2.26
N PHE D 68 38.92 -9.25 -2.18
CA PHE D 68 38.19 -9.99 -1.17
C PHE D 68 39.16 -10.54 -0.21
N THR D 69 38.74 -10.93 0.98
CA THR D 69 39.57 -11.60 2.02
C THR D 69 38.81 -12.73 2.86
N ILE D 70 39.05 -14.05 2.84
CA ILE D 70 38.24 -14.99 3.61
C ILE D 70 38.61 -15.05 5.09
N SER D 71 37.78 -15.35 6.06
CA SER D 71 38.20 -15.31 7.43
C SER D 71 37.46 -16.46 8.04
N ARG D 72 37.91 -17.02 9.17
CA ARG D 72 37.25 -18.16 9.83
C ARG D 72 37.13 -17.90 11.34
N ASP D 73 36.05 -17.95 12.05
CA ASP D 73 36.23 -17.58 13.45
C ASP D 73 35.64 -18.80 14.13
N ASN D 74 36.59 -19.62 14.68
CA ASN D 74 36.25 -21.00 14.93
C ASN D 74 35.42 -21.54 16.05
N PRO D 75 35.70 -21.33 17.31
CA PRO D 75 34.76 -21.69 18.41
C PRO D 75 33.28 -22.03 18.10
N LYS D 76 32.84 -23.28 17.82
CA LYS D 76 31.47 -23.50 17.26
C LYS D 76 31.52 -22.70 15.96
N ASN D 77 31.03 -21.50 16.02
CA ASN D 77 31.36 -20.48 15.07
C ASN D 77 31.04 -20.38 13.57
N THR D 78 31.78 -19.39 13.04
CA THR D 78 31.57 -18.60 11.87
C THR D 78 32.45 -18.54 10.66
N LEU D 79 32.09 -18.00 9.53
CA LEU D 79 33.07 -17.86 8.49
C LEU D 79 32.85 -16.49 7.87
N PHE D 80 33.62 -15.89 6.96
CA PHE D 80 33.41 -14.50 6.53
C PHE D 80 33.73 -14.28 5.07
N LEU D 81 33.55 -13.14 4.46
CA LEU D 81 34.09 -12.87 3.15
C LEU D 81 33.79 -11.41 3.34
N GLN D 82 34.79 -10.60 3.13
CA GLN D 82 34.63 -9.19 3.35
C GLN D 82 34.94 -8.74 1.95
N MET D 83 34.00 -8.03 1.33
CA MET D 83 34.21 -7.62 -0.03
C MET D 83 34.38 -6.12 0.04
N THR D 84 34.87 -5.68 -1.11
CA THR D 84 35.27 -4.31 -1.36
C THR D 84 35.56 -4.09 -2.85
N SER D 85 35.54 -2.89 -3.37
CA SER D 85 35.84 -2.76 -4.77
C SER D 85 35.02 -3.79 -5.52
N LEU D 86 33.69 -3.50 -5.44
CA LEU D 86 32.75 -4.45 -6.02
C LEU D 86 32.46 -4.18 -7.49
N ARG D 87 33.09 -4.85 -8.47
CA ARG D 87 32.72 -4.59 -9.86
C ARG D 87 31.30 -5.05 -10.14
N SER D 88 30.27 -4.33 -10.57
CA SER D 88 28.97 -4.99 -10.69
C SER D 88 28.88 -6.44 -11.05
N GLU D 89 29.87 -7.07 -11.65
CA GLU D 89 29.75 -8.46 -12.06
C GLU D 89 29.62 -9.37 -10.86
N ASP D 90 29.86 -8.69 -9.74
CA ASP D 90 29.92 -9.43 -8.51
C ASP D 90 28.55 -9.49 -7.88
N THR D 91 27.50 -9.43 -8.68
CA THR D 91 26.20 -9.45 -8.08
C THR D 91 25.80 -10.91 -8.05
N ALA D 92 25.20 -11.58 -7.06
CA ALA D 92 24.92 -12.98 -7.28
C ALA D 92 24.32 -13.37 -5.96
N ILE D 93 24.15 -14.70 -5.74
CA ILE D 93 23.85 -15.28 -4.43
C ILE D 93 25.18 -16.00 -4.11
N TYR D 94 25.76 -15.66 -2.97
CA TYR D 94 27.04 -16.11 -2.61
C TYR D 94 26.72 -17.38 -1.91
N TYR D 95 27.24 -18.61 -2.06
CA TYR D 95 26.84 -19.63 -1.10
C TYR D 95 27.95 -19.93 -0.10
N CYS D 96 27.65 -20.52 1.03
CA CYS D 96 28.61 -20.88 2.10
C CYS D 96 28.89 -22.37 2.11
N THR D 97 30.02 -22.99 1.81
CA THR D 97 30.01 -24.44 1.78
C THR D 97 31.14 -25.20 2.40
N ARG D 98 30.71 -26.28 3.05
CA ARG D 98 31.67 -27.14 3.74
C ARG D 98 32.51 -27.91 2.72
N GLY D 99 33.70 -28.31 3.13
CA GLY D 99 34.49 -29.11 2.25
C GLY D 99 34.04 -30.58 2.02
N GLY D 100 34.72 -31.61 2.48
CA GLY D 100 34.38 -32.96 2.10
C GLY D 100 35.28 -33.82 2.99
N THR D 101 36.59 -33.59 3.00
CA THR D 101 37.27 -34.36 4.01
C THR D 101 36.99 -35.76 3.58
N GLY D 102 36.99 -35.72 2.31
CA GLY D 102 36.69 -37.01 1.85
C GLY D 102 38.11 -37.44 1.52
N THR D 103 38.03 -37.62 0.20
CA THR D 103 39.04 -38.25 -0.56
C THR D 103 40.19 -37.59 -1.28
N ARG D 104 41.39 -38.14 -1.09
CA ARG D 104 42.47 -37.79 -1.99
C ARG D 104 42.79 -36.31 -2.24
N SER D 105 42.40 -35.31 -1.44
CA SER D 105 42.64 -33.99 -2.05
C SER D 105 41.60 -33.51 -3.07
N LEU D 106 40.44 -34.13 -3.28
CA LEU D 106 39.59 -33.59 -4.29
C LEU D 106 38.97 -32.34 -3.71
N TYR D 107 38.57 -31.35 -4.59
CA TYR D 107 37.68 -30.22 -4.17
C TYR D 107 36.21 -30.50 -4.32
N TYR D 108 35.49 -30.72 -3.26
CA TYR D 108 34.09 -31.03 -3.42
C TYR D 108 33.36 -30.46 -2.18
N PHE D 109 32.23 -29.79 -2.44
CA PHE D 109 31.46 -29.14 -1.41
C PHE D 109 30.41 -30.15 -1.03
N ASP D 110 30.62 -30.49 0.22
CA ASP D 110 29.88 -31.37 1.11
C ASP D 110 28.50 -30.82 1.40
N TYR D 111 28.23 -29.57 1.75
CA TYR D 111 26.89 -29.12 2.06
C TYR D 111 26.80 -27.60 1.78
N TRP D 112 25.74 -27.11 1.10
CA TRP D 112 25.56 -25.67 0.87
C TRP D 112 24.63 -24.92 1.85
N GLY D 113 24.78 -23.60 1.98
CA GLY D 113 23.79 -22.86 2.77
C GLY D 113 22.83 -22.14 1.81
N GLN D 114 22.06 -21.09 1.98
CA GLN D 114 21.25 -20.55 0.89
C GLN D 114 21.83 -19.28 0.32
N GLY D 115 22.47 -18.38 0.97
CA GLY D 115 23.05 -17.38 0.13
C GLY D 115 22.69 -16.03 0.64
N ALA D 116 23.23 -14.85 0.24
CA ALA D 116 22.58 -13.70 0.84
C ALA D 116 22.98 -13.47 -0.59
N THR D 117 22.35 -12.64 -1.48
CA THR D 117 22.77 -12.47 -2.84
C THR D 117 23.08 -11.00 -2.66
N LEU D 118 23.94 -10.53 -3.60
CA LEU D 118 24.48 -9.20 -3.47
C LEU D 118 24.23 -8.36 -4.71
N ILE D 119 23.45 -7.24 -4.67
CA ILE D 119 23.20 -6.43 -5.87
C ILE D 119 24.19 -5.29 -6.02
N VAL D 120 25.12 -5.48 -6.91
CA VAL D 120 26.10 -4.43 -7.12
C VAL D 120 25.51 -3.33 -8.04
N SER D 121 24.95 -2.15 -7.70
CA SER D 121 24.38 -1.29 -8.75
C SER D 121 24.01 -0.04 -8.08
N SER D 122 23.97 1.15 -8.70
CA SER D 122 23.40 2.33 -8.05
C SER D 122 21.89 2.33 -8.42
N ALA D 123 21.47 2.18 -9.63
CA ALA D 123 20.07 2.22 -9.38
C ALA D 123 19.90 2.32 -7.84
N THR D 124 18.94 3.24 -7.79
CA THR D 124 18.47 3.58 -6.46
C THR D 124 17.28 2.65 -6.52
N THR D 125 16.62 2.41 -5.38
CA THR D 125 15.44 1.57 -5.26
C THR D 125 14.16 2.26 -5.62
N THR D 126 13.19 1.48 -6.11
CA THR D 126 11.94 2.04 -6.55
C THR D 126 10.96 1.06 -5.99
N ALA D 127 9.93 1.37 -5.23
CA ALA D 127 9.08 0.24 -4.93
C ALA D 127 8.21 0.25 -6.20
N PRO D 128 7.00 -0.30 -6.54
CA PRO D 128 6.62 -0.48 -7.88
C PRO D 128 5.17 -0.06 -7.89
N SER D 129 4.63 -0.01 -9.14
CA SER D 129 3.24 0.15 -9.58
C SER D 129 2.67 -1.19 -9.94
N VAL D 130 1.55 -1.38 -9.28
CA VAL D 130 0.67 -2.55 -9.29
C VAL D 130 -0.40 -2.20 -10.26
N TYR D 131 -0.48 -2.64 -11.51
CA TYR D 131 -1.63 -2.10 -12.23
C TYR D 131 -2.60 -3.25 -12.50
N PRO D 132 -3.87 -3.04 -12.47
CA PRO D 132 -4.83 -4.11 -12.31
C PRO D 132 -5.18 -4.58 -13.71
N LEU D 133 -5.26 -5.86 -14.05
CA LEU D 133 -5.48 -6.21 -15.44
C LEU D 133 -6.98 -6.52 -15.54
N VAL D 134 -7.87 -5.98 -16.36
CA VAL D 134 -9.18 -6.54 -16.20
C VAL D 134 -9.78 -6.75 -17.56
N PRO D 135 -10.71 -7.71 -17.64
CA PRO D 135 -11.85 -7.78 -18.55
C PRO D 135 -12.87 -6.69 -18.34
N GLY D 136 -13.74 -6.77 -19.37
CA GLY D 136 -14.97 -6.04 -19.37
C GLY D 136 -15.85 -6.71 -18.29
N CYS D 137 -15.71 -8.08 -18.09
CA CYS D 137 -16.48 -8.91 -17.10
C CYS D 137 -16.57 -10.37 -17.68
N SER D 138 -17.25 -11.25 -16.93
CA SER D 138 -17.52 -12.66 -17.24
C SER D 138 -16.57 -13.69 -17.96
N ASP D 139 -15.57 -13.25 -18.74
CA ASP D 139 -14.95 -14.16 -19.70
C ASP D 139 -13.73 -15.04 -19.50
N THR D 140 -13.65 -16.21 -20.13
CA THR D 140 -12.32 -16.87 -20.32
C THR D 140 -12.61 -16.96 -21.84
N SER D 141 -12.78 -18.16 -22.41
CA SER D 141 -13.41 -18.35 -23.74
C SER D 141 -14.95 -18.16 -23.51
N GLY D 142 -15.32 -18.54 -22.24
CA GLY D 142 -16.68 -18.34 -21.61
C GLY D 142 -16.56 -17.81 -20.13
N SER D 143 -17.31 -18.58 -19.29
CA SER D 143 -17.08 -18.61 -17.85
C SER D 143 -15.61 -18.96 -17.47
N SER D 144 -15.34 -18.35 -16.31
CA SER D 144 -14.11 -18.26 -15.59
C SER D 144 -13.82 -17.04 -16.39
N VAL D 145 -13.08 -16.41 -15.54
CA VAL D 145 -12.46 -15.18 -15.87
C VAL D 145 -10.99 -15.33 -15.41
N THR D 146 -9.99 -14.73 -16.07
CA THR D 146 -8.70 -14.75 -15.41
C THR D 146 -8.38 -13.29 -15.08
N LEU D 147 -8.41 -13.01 -13.77
CA LEU D 147 -8.22 -11.62 -13.37
C LEU D 147 -6.72 -11.37 -13.54
N GLY D 148 -6.05 -10.22 -13.60
CA GLY D 148 -4.62 -10.31 -13.67
C GLY D 148 -4.15 -9.11 -12.92
N CYS D 149 -2.91 -8.95 -12.48
CA CYS D 149 -2.45 -7.68 -11.96
C CYS D 149 -1.20 -7.43 -12.78
N LEU D 150 -0.72 -6.18 -13.03
CA LEU D 150 0.55 -5.84 -13.69
C LEU D 150 1.21 -5.00 -12.62
N VAL D 151 2.36 -5.50 -12.23
CA VAL D 151 3.20 -4.82 -11.24
C VAL D 151 4.36 -4.40 -12.15
N LYS D 152 4.61 -3.14 -12.39
CA LYS D 152 5.56 -3.02 -13.43
C LYS D 152 6.36 -1.89 -12.94
N GLY D 153 7.66 -2.00 -13.09
CA GLY D 153 8.51 -0.88 -12.89
C GLY D 153 9.45 -0.98 -11.71
N TYR D 154 9.92 -2.11 -11.23
CA TYR D 154 10.71 -1.92 -9.98
C TYR D 154 12.23 -2.16 -9.92
N PHE D 155 12.86 -1.95 -8.77
CA PHE D 155 14.20 -2.41 -8.66
C PHE D 155 14.46 -2.16 -7.21
N PRO D 156 15.36 -2.85 -6.57
CA PRO D 156 15.84 -4.15 -6.98
C PRO D 156 14.74 -5.14 -6.61
N GLY D 157 14.72 -6.39 -7.20
CA GLY D 157 13.69 -7.44 -7.00
C GLY D 157 13.96 -8.27 -5.75
N PRO D 158 13.13 -9.11 -5.15
CA PRO D 158 11.85 -9.52 -5.66
C PRO D 158 10.83 -8.45 -5.44
N VAL D 159 9.67 -9.09 -5.66
CA VAL D 159 8.32 -8.54 -5.46
C VAL D 159 7.63 -9.87 -5.30
N THR D 160 6.58 -9.98 -4.53
CA THR D 160 5.89 -11.24 -4.41
C THR D 160 4.42 -10.78 -4.58
N VAL D 161 3.57 -11.52 -5.31
CA VAL D 161 2.19 -11.06 -5.51
C VAL D 161 1.32 -12.02 -4.76
N LYS D 162 0.33 -11.72 -3.97
CA LYS D 162 -0.36 -12.90 -3.53
C LYS D 162 -1.76 -12.54 -3.90
N TRP D 163 -2.67 -13.51 -3.87
CA TRP D 163 -3.98 -13.28 -4.44
C TRP D 163 -5.14 -13.63 -3.54
N ASN D 164 -5.73 -14.80 -3.89
CA ASN D 164 -6.90 -15.29 -3.14
C ASN D 164 -6.69 -16.72 -2.80
N TYR D 165 -6.40 -16.88 -1.51
CA TYR D 165 -6.30 -18.22 -1.05
C TYR D 165 -7.79 -18.32 -0.94
N GLY D 166 -8.34 -19.01 -2.01
CA GLY D 166 -9.79 -19.28 -2.28
C GLY D 166 -10.04 -20.45 -3.31
N ALA D 167 -9.34 -21.55 -3.02
CA ALA D 167 -9.71 -22.72 -3.81
C ALA D 167 -10.74 -22.48 -4.95
N LEU D 168 -11.29 -21.34 -5.32
CA LEU D 168 -12.38 -21.62 -6.27
C LEU D 168 -11.95 -21.78 -7.74
N SER D 169 -10.73 -21.41 -7.73
CA SER D 169 -9.90 -21.41 -8.90
C SER D 169 -9.66 -20.04 -8.22
N SER D 170 -8.38 -20.41 -8.38
CA SER D 170 -7.32 -19.93 -7.56
C SER D 170 -6.13 -20.85 -7.90
N GLY D 171 -5.80 -20.84 -9.15
CA GLY D 171 -4.47 -21.35 -9.46
C GLY D 171 -3.85 -19.94 -9.53
N VAL D 172 -2.72 -19.41 -9.07
CA VAL D 172 -2.55 -18.05 -9.45
C VAL D 172 -1.38 -18.42 -10.37
N ARG D 173 -1.09 -17.78 -11.53
CA ARG D 173 0.09 -18.09 -12.38
C ARG D 173 0.90 -16.82 -12.39
N THR D 174 2.03 -16.60 -11.65
CA THR D 174 2.85 -15.41 -11.81
C THR D 174 3.80 -15.43 -12.97
N VAL D 175 3.90 -14.46 -13.83
CA VAL D 175 4.87 -14.78 -14.82
C VAL D 175 6.19 -14.24 -14.29
N SER D 176 7.27 -14.56 -14.93
CA SER D 176 8.51 -14.01 -14.47
C SER D 176 8.78 -12.54 -14.84
N SER D 177 9.64 -11.97 -13.99
CA SER D 177 10.13 -10.63 -14.22
C SER D 177 10.85 -10.51 -15.53
N VAL D 178 10.62 -9.45 -16.26
CA VAL D 178 11.47 -9.27 -17.43
C VAL D 178 12.01 -7.89 -17.11
N LEU D 179 13.31 -7.73 -16.95
CA LEU D 179 13.73 -6.42 -16.51
C LEU D 179 14.03 -5.64 -17.76
N GLN D 180 13.43 -4.50 -17.90
CA GLN D 180 13.70 -3.85 -19.12
C GLN D 180 13.70 -2.35 -18.94
N SER D 181 14.79 -1.81 -19.45
CA SER D 181 14.92 -0.41 -19.22
C SER D 181 15.10 -0.15 -17.75
N GLY D 182 15.70 -1.12 -17.05
CA GLY D 182 16.14 -0.91 -15.68
C GLY D 182 15.28 -1.54 -14.60
N PHE D 183 14.10 -1.08 -14.82
CA PHE D 183 13.07 -1.54 -13.98
C PHE D 183 12.70 -2.96 -14.36
N TYR D 184 11.97 -3.67 -13.49
CA TYR D 184 11.55 -5.03 -13.86
C TYR D 184 10.07 -5.08 -13.72
N SER D 185 9.46 -6.02 -14.40
CA SER D 185 8.02 -5.96 -14.47
C SER D 185 7.68 -7.40 -14.46
N LEU D 186 6.40 -7.68 -14.15
CA LEU D 186 5.76 -8.99 -14.11
C LEU D 186 4.22 -9.03 -13.97
N SER D 187 3.52 -10.09 -14.35
CA SER D 187 2.10 -10.10 -14.13
C SER D 187 1.72 -11.35 -13.34
N SER D 188 0.53 -11.38 -12.72
CA SER D 188 0.11 -12.47 -11.87
C SER D 188 -1.27 -12.68 -12.45
N LEU D 189 -1.79 -13.86 -12.83
CA LEU D 189 -3.14 -13.98 -13.28
C LEU D 189 -3.72 -15.08 -12.47
N VAL D 190 -5.06 -15.05 -12.36
CA VAL D 190 -5.97 -16.09 -11.80
C VAL D 190 -7.38 -16.17 -12.46
N THR D 191 -7.72 -17.43 -12.64
CA THR D 191 -9.04 -17.76 -13.15
C THR D 191 -9.98 -17.97 -11.99
N VAL D 192 -11.01 -17.14 -12.08
CA VAL D 192 -12.03 -17.32 -11.08
C VAL D 192 -13.22 -17.70 -11.94
N PRO D 193 -13.68 -18.79 -11.35
CA PRO D 193 -15.05 -19.32 -11.62
C PRO D 193 -16.17 -18.21 -11.49
N SER D 194 -16.67 -17.86 -12.68
CA SER D 194 -17.39 -16.60 -12.86
C SER D 194 -18.66 -16.40 -12.12
N SER D 195 -19.00 -17.51 -11.56
CA SER D 195 -20.10 -17.35 -10.66
C SER D 195 -19.64 -16.18 -9.74
N THR D 196 -18.35 -16.19 -9.44
CA THR D 196 -17.88 -15.08 -8.64
C THR D 196 -17.35 -13.98 -9.61
N TRP D 197 -16.94 -12.99 -8.78
CA TRP D 197 -16.51 -11.69 -9.35
C TRP D 197 -17.50 -11.18 -10.42
N PRO D 198 -17.85 -9.88 -10.38
CA PRO D 198 -17.70 -8.96 -9.26
C PRO D 198 -18.73 -9.28 -8.23
N SER D 199 -19.20 -10.54 -8.20
CA SER D 199 -20.15 -11.00 -7.21
C SER D 199 -19.48 -10.70 -5.90
N GLN D 200 -18.36 -11.44 -5.73
CA GLN D 200 -17.48 -11.21 -4.56
C GLN D 200 -16.09 -10.76 -4.95
N THR D 201 -15.63 -9.66 -4.32
CA THR D 201 -14.35 -9.03 -4.65
C THR D 201 -13.06 -9.78 -4.69
N VAL D 202 -12.11 -9.30 -5.48
CA VAL D 202 -10.77 -9.88 -5.45
C VAL D 202 -9.72 -8.78 -5.20
N ILE D 203 -8.47 -9.19 -4.92
CA ILE D 203 -7.50 -8.20 -4.44
C ILE D 203 -6.17 -8.79 -4.85
N CYS D 204 -5.34 -7.99 -5.52
CA CYS D 204 -4.00 -8.48 -5.73
C CYS D 204 -3.34 -7.53 -4.74
N ASN D 205 -2.54 -8.34 -4.06
CA ASN D 205 -1.68 -7.96 -2.95
C ASN D 205 -0.21 -8.23 -3.34
N VAL D 206 0.50 -7.10 -3.48
CA VAL D 206 1.84 -7.07 -4.06
C VAL D 206 2.88 -6.68 -3.05
N ALA D 207 3.97 -7.34 -2.66
CA ALA D 207 4.71 -6.72 -1.57
C ALA D 207 6.09 -6.80 -2.00
N HIS D 208 6.76 -5.68 -2.06
CA HIS D 208 8.12 -5.83 -2.56
C HIS D 208 9.19 -5.59 -1.51
N PRO D 209 9.97 -6.55 -0.97
CA PRO D 209 10.44 -6.49 0.43
C PRO D 209 11.10 -5.19 0.92
N ALA D 210 11.74 -4.43 0.03
CA ALA D 210 12.19 -3.09 0.40
C ALA D 210 10.97 -2.13 0.64
N SER D 211 10.31 -2.62 1.73
CA SER D 211 9.10 -2.11 2.38
C SER D 211 7.70 -1.85 1.78
N LYS D 212 7.28 -1.46 0.57
CA LYS D 212 5.86 -1.45 0.24
C LYS D 212 5.13 -2.81 0.10
N THR D 213 3.87 -2.69 0.54
CA THR D 213 2.88 -3.72 0.41
C THR D 213 1.90 -2.97 -0.44
N ASP D 214 1.52 -3.19 -1.69
CA ASP D 214 0.48 -2.38 -2.30
C ASP D 214 -0.69 -3.38 -2.45
N LEU D 215 -1.86 -2.87 -2.60
CA LEU D 215 -3.03 -3.69 -2.61
C LEU D 215 -3.89 -3.48 -3.86
N ILE D 216 -4.44 -4.38 -4.65
CA ILE D 216 -5.46 -3.83 -5.58
C ILE D 216 -6.26 -4.85 -6.37
N LYS D 217 -7.00 -4.27 -7.36
CA LYS D 217 -7.44 -5.13 -8.52
C LYS D 217 -8.94 -4.89 -8.32
#